data_7SCZ
#
_entry.id   7SCZ
#
loop_
_entity.id
_entity.type
_entity.pdbx_description
1 polymer 'DNA (147-MER)'
2 polymer 'DNA (147-MER)'
3 polymer 'Histone H3.1'
4 polymer 'Histone H4'
5 polymer 'Histone H2A'
6 polymer 'Histone H2B type 1-J'
7 polymer 'Poly [ADP-ribose] polymerase 1'
#
loop_
_entity_poly.entity_id
_entity_poly.type
_entity_poly.pdbx_seq_one_letter_code
_entity_poly.pdbx_strand_id
1 'polydeoxyribonucleotide'
;(DA)(DT)(DC)(DG)(DG)(DA)(DT)(DG)(DT)(DA)(DT)(DA)(DT)(DA)(DT)(DC)(DT)(DG)(DA)(DC)
(DA)(DC)(DG)(DT)(DG)(DC)(DC)(DT)(DG)(DG)(DA)(DG)(DA)(DC)(DT)(DA)(DG)(DG)(DG)(DA)
(DG)(DT)(DA)(DA)(DT)(DC)(DC)(DC)(DC)(DT)(DT)(DG)(DG)(DC)(DG)(DG)(DT)(DT)(DA)(DA)
(DA)(DA)(DC)(DG)(DC)(DG)(DG)(DG)(DG)(DG)(DA)(DC)(DA)(DG)(DC)(DG)(DC)(DG)(DT)(DA)
(DC)(DG)(DT)(DG)(DC)(DG)(DT)(DT)(DT)(DA)(DA)(DG)(DC)(DG)(DG)(DT)(DG)(DC)(DT)(DA)
(DG)(DA)(DG)(DC)(DT)(DG)(DT)(DC)(DT)(DA)(DC)(DG)(DA)(DC)(DC)(DA)(DA)(DT)(DT)(DG)
(DA)(DG)(DC)(DG)(DG)(DC)(DC)(DT)(DC)(DG)(DG)(DC)(DA)(DC)(DC)(DG)(DG)(DG)(DA)(DT)
(DT)(DC)(DT)(DC)(DG)(DA)(DT)
;
I
2 'polydeoxyribonucleotide'
;(DA)(DT)(DC)(DG)(DA)(DG)(DA)(DA)(DT)(DC)(DC)(DC)(DG)(DG)(DT)(DG)(DC)(DC)(DG)(DA)
(DG)(DG)(DC)(DC)(DG)(DC)(DT)(DC)(DA)(DA)(DT)(DT)(DG)(DG)(DT)(DC)(DG)(DT)(DA)(DG)
(DA)(DC)(DA)(DG)(DC)(DT)(DC)(DT)(DA)(DG)(DC)(DA)(DC)(DC)(DG)(DC)(DT)(DT)(DA)(DA)
(DA)(DC)(DG)(DC)(DA)(DC)(DG)(DT)(DA)(DC)(DG)(DC)(DG)(DC)(DT)(DG)(DT)(DC)(DC)(DC)
(DC)(DC)(DG)(DC)(DG)(DT)(DT)(DT)(DT)(DA)(DA)(DC)(DC)(DG)(DC)(DC)(DA)(DA)(DG)(DG)
(DG)(DG)(DA)(DT)(DT)(DA)(DC)(DT)(DC)(DC)(DC)(DT)(DA)(DG)(DT)(DC)(DT)(DC)(DC)(DA)
(DG)(DG)(DC)(DA)(DC)(DG)(DT)(DG)(DT)(DC)(DA)(DG)(DA)(DT)(DA)(DT)(DA)(DT)(DA)(DC)
(DA)(DT)(DC)(DC)(DG)(DA)(DT)
;
J
3 'polypeptide(L)'
;GSHMARTKQTARKSTGGKAPRKQLATKAARKSAPATGGVKKPHRYRPGTVALREIRRYQKSTELLIRKLPFQRLVREIAQ
DFKTDLRFQSSAVMALQEACEAYLVGLFEDTNLCAIHAKRVTIMPKDIQLARRIRGERA
;
A,E
4 'polypeptide(L)'
;GSHMSGRGKGGKGLGKGGAKRHRKVLRDNIQGITKPAIRRLARRGGVKRISGLIYEETRGVLKVFLENVIRDAVTYTEHA
KRKTVTAMDVVYALKRQGRTLYGFGG
;
B,F
5 'polypeptide(L)'
;GSHMSGRGKQGGKARAKAKTRSSRAGLQFPVGRVHRLLRKGNYSERVGAGAPVYLAAVLEYLTAEILELAGNAARDNKKT
RIIPRHLQLAIRNDEELNKLLGRVTIAQGGVLPNIQAVLLPKKTESHHKAKGK
;
C,G
6 'polypeptide(L)'
;GSHMPEPAKSAPAPKKGSKKAVTKAQKKDGKKRKRSRKESYSIYVYKVLKQVHPDTGISSKAMGIMNSFVNDIFERIAGE
ASRLAHYNKRSTITSREIQTAVRLLLPGELAKHAVSEGTKAVTKYTSAK
;
D,H
7 'polypeptide(L)'
;MGSSHHHHHHSSGLVPRGSHMSADKPLSNMKILTLGKLSRNKDEVKAMIEKLGGKLTGTANKASLCISTKKEVEKMNKKM
EEVKEANIRVVSEDFLQDVSASTKSLQELFLAHILSPWGAEVKGSAEPVEV
;
K
#
loop_
_chem_comp.id
_chem_comp.type
_chem_comp.name
_chem_comp.formula
DA DNA linking 2'-DEOXYADENOSINE-5'-MONOPHOSPHATE 'C10 H14 N5 O6 P'
DC DNA linking 2'-DEOXYCYTIDINE-5'-MONOPHOSPHATE 'C9 H14 N3 O7 P'
DG DNA linking 2'-DEOXYGUANOSINE-5'-MONOPHOSPHATE 'C10 H14 N5 O7 P'
DT DNA linking THYMIDINE-5'-MONOPHOSPHATE 'C10 H15 N2 O8 P'
#
# COMPACT_ATOMS: atom_id res chain seq x y z
N PRO C 42 41.85 26.22 -15.92
CA PRO C 42 40.51 26.12 -16.51
C PRO C 42 39.39 26.08 -15.47
N HIS C 43 38.15 26.36 -15.88
CA HIS C 43 36.95 26.26 -15.03
C HIS C 43 36.61 24.79 -14.66
N ARG C 44 35.91 24.60 -13.53
CA ARG C 44 35.49 23.29 -13.01
C ARG C 44 34.36 23.46 -12.00
N TYR C 45 33.26 22.74 -12.08
CA TYR C 45 32.30 22.71 -10.97
C TYR C 45 32.84 21.91 -9.79
N ARG C 46 32.52 22.29 -8.56
CA ARG C 46 32.93 21.50 -7.38
C ARG C 46 32.14 20.19 -7.29
N PRO C 47 32.71 19.13 -6.70
CA PRO C 47 32.01 17.88 -6.47
C PRO C 47 30.65 18.11 -5.82
N GLY C 48 29.65 17.40 -6.34
CA GLY C 48 28.26 17.51 -5.93
C GLY C 48 27.47 18.56 -6.69
N THR C 49 28.07 19.55 -7.32
CA THR C 49 27.30 20.58 -8.05
C THR C 49 26.61 20.00 -9.25
N VAL C 50 27.30 19.22 -10.08
CA VAL C 50 26.69 18.63 -11.26
C VAL C 50 25.77 17.50 -10.87
N ALA C 51 26.04 16.76 -9.79
CA ALA C 51 25.08 15.78 -9.29
C ALA C 51 23.74 16.41 -8.93
N LEU C 52 23.73 17.57 -8.25
CA LEU C 52 22.48 18.30 -8.02
C LEU C 52 21.85 18.76 -9.33
N ARG C 53 22.65 19.21 -10.29
CA ARG C 53 22.14 19.62 -11.60
C ARG C 53 21.48 18.45 -12.32
N GLU C 54 22.02 17.24 -12.19
CA GLU C 54 21.44 16.01 -12.71
C GLU C 54 20.17 15.61 -11.96
N ILE C 55 20.12 15.71 -10.64
CA ILE C 55 18.90 15.40 -9.90
C ILE C 55 17.75 16.25 -10.45
N ARG C 56 17.94 17.57 -10.57
CA ARG C 56 16.89 18.44 -11.10
C ARG C 56 16.45 18.02 -12.50
N ARG C 57 17.40 17.77 -13.41
CA ARG C 57 17.12 17.28 -14.76
C ARG C 57 16.32 15.99 -14.77
N TYR C 58 16.83 14.90 -14.19
CA TYR C 58 16.14 13.63 -14.27
C TYR C 58 14.86 13.56 -13.44
N GLN C 59 14.64 14.43 -12.46
CA GLN C 59 13.33 14.53 -11.82
C GLN C 59 12.32 15.32 -12.66
N LYS C 60 12.78 16.21 -13.53
CA LYS C 60 11.93 17.05 -14.38
C LYS C 60 11.39 16.31 -15.60
N SER C 61 12.19 15.44 -16.20
CA SER C 61 11.83 14.60 -17.35
C SER C 61 11.11 13.31 -16.94
N THR C 62 10.57 12.57 -17.93
CA THR C 62 9.83 11.30 -17.70
C THR C 62 10.28 10.13 -18.56
N GLU C 63 11.24 10.33 -19.46
CA GLU C 63 11.72 9.27 -20.35
C GLU C 63 12.28 8.08 -19.57
N LEU C 64 12.21 6.89 -20.15
CA LEU C 64 12.88 5.73 -19.57
C LEU C 64 14.40 5.92 -19.65
N LEU C 65 15.12 5.55 -18.60
CA LEU C 65 16.51 5.92 -18.35
C LEU C 65 17.52 4.82 -18.67
N ILE C 66 17.09 3.57 -18.70
CA ILE C 66 17.88 2.44 -19.19
C ILE C 66 17.74 2.35 -20.71
N ARG C 67 18.83 2.10 -21.44
CA ARG C 67 18.78 1.89 -22.90
C ARG C 67 17.84 0.72 -23.21
N LYS C 68 16.96 0.85 -24.21
CA LYS C 68 15.88 -0.12 -24.46
C LYS C 68 16.40 -1.52 -24.72
N LEU C 69 17.30 -1.67 -25.68
CA LEU C 69 17.79 -2.94 -26.18
C LEU C 69 18.48 -3.79 -25.11
N PRO C 70 19.42 -3.30 -24.29
CA PRO C 70 19.98 -4.12 -23.23
C PRO C 70 18.95 -4.49 -22.18
N PHE C 71 18.00 -3.63 -21.84
CA PHE C 71 16.92 -4.04 -20.93
C PHE C 71 16.07 -5.16 -21.53
N GLN C 72 15.70 -5.03 -22.79
CA GLN C 72 14.98 -6.06 -23.51
C GLN C 72 15.75 -7.38 -23.52
N ARG C 73 17.06 -7.32 -23.77
CA ARG C 73 17.95 -8.48 -23.76
C ARG C 73 17.98 -9.16 -22.40
N LEU C 74 18.05 -8.40 -21.31
CA LEU C 74 17.98 -8.95 -19.96
C LEU C 74 16.68 -9.70 -19.73
N VAL C 75 15.55 -9.08 -20.08
CA VAL C 75 14.23 -9.70 -19.93
C VAL C 75 14.17 -11.05 -20.62
N ARG C 76 14.72 -11.16 -21.84
CA ARG C 76 14.73 -12.44 -22.54
C ARG C 76 15.55 -13.48 -21.81
N GLU C 77 16.74 -13.16 -21.31
CA GLU C 77 17.52 -14.14 -20.56
C GLU C 77 16.77 -14.68 -19.35
N ILE C 78 16.16 -13.80 -18.55
CA ILE C 78 15.43 -14.24 -17.35
C ILE C 78 14.22 -15.09 -17.74
N ALA C 79 13.49 -14.71 -18.79
CA ALA C 79 12.32 -15.46 -19.22
C ALA C 79 12.69 -16.85 -19.72
N GLN C 80 13.79 -16.97 -20.45
CA GLN C 80 14.26 -18.21 -21.07
C GLN C 80 14.39 -19.36 -20.06
N ASP C 81 14.69 -19.08 -18.80
CA ASP C 81 14.76 -20.10 -17.76
C ASP C 81 13.39 -20.63 -17.33
N PHE C 82 12.38 -19.77 -17.17
CA PHE C 82 11.04 -20.21 -16.81
C PHE C 82 10.30 -20.86 -17.98
N LYS C 83 10.56 -20.45 -19.22
CA LYS C 83 10.15 -21.18 -20.42
C LYS C 83 11.02 -20.80 -21.62
N THR C 84 11.47 -21.80 -22.36
CA THR C 84 12.18 -21.62 -23.63
C THR C 84 11.24 -21.23 -24.76
N ASP C 85 11.76 -20.67 -25.84
CA ASP C 85 10.99 -20.38 -27.07
C ASP C 85 9.80 -19.41 -26.88
N LEU C 86 9.91 -18.48 -25.94
CA LEU C 86 8.90 -17.41 -25.78
C LEU C 86 9.00 -16.34 -26.87
N ARG C 87 7.96 -15.51 -26.94
CA ARG C 87 7.95 -14.23 -27.67
C ARG C 87 7.31 -13.16 -26.79
N PHE C 88 7.62 -11.89 -26.99
CA PHE C 88 7.01 -10.81 -26.24
C PHE C 88 6.28 -9.84 -27.15
N GLN C 89 5.10 -9.38 -26.77
CA GLN C 89 4.59 -8.13 -27.33
C GLN C 89 5.56 -6.99 -27.04
N SER C 90 5.77 -6.09 -27.99
CA SER C 90 6.66 -4.96 -27.79
C SER C 90 6.25 -4.10 -26.60
N SER C 91 4.95 -3.82 -26.49
CA SER C 91 4.35 -3.12 -25.35
C SER C 91 4.61 -3.82 -24.02
N ALA C 92 4.68 -5.14 -23.98
CA ALA C 92 4.93 -5.87 -22.75
C ALA C 92 6.32 -5.56 -22.20
N VAL C 93 7.34 -5.48 -23.05
CA VAL C 93 8.67 -5.06 -22.59
C VAL C 93 8.62 -3.61 -22.11
N MET C 94 7.86 -2.73 -22.73
CA MET C 94 7.70 -1.36 -22.23
C MET C 94 7.06 -1.34 -20.84
N ALA C 95 6.06 -2.17 -20.59
CA ALA C 95 5.47 -2.25 -19.27
C ALA C 95 6.48 -2.73 -18.24
N LEU C 96 7.31 -3.73 -18.57
CA LEU C 96 8.35 -4.17 -17.66
C LEU C 96 9.36 -3.08 -17.38
N GLN C 97 9.77 -2.32 -18.39
CA GLN C 97 10.75 -1.27 -18.14
C GLN C 97 10.18 -0.19 -17.24
N GLU C 98 8.95 0.24 -17.50
CA GLU C 98 8.26 1.18 -16.63
C GLU C 98 8.14 0.66 -15.20
N ALA C 99 7.87 -0.63 -15.00
CA ALA C 99 7.83 -1.22 -13.69
C ALA C 99 9.21 -1.23 -13.00
N CYS C 100 10.25 -1.70 -13.68
CA CYS C 100 11.57 -1.83 -13.07
C CYS C 100 12.16 -0.47 -12.72
N GLU C 101 12.08 0.49 -13.64
CA GLU C 101 12.57 1.82 -13.36
C GLU C 101 11.82 2.46 -12.20
N ALA C 102 10.50 2.36 -12.16
CA ALA C 102 9.73 2.91 -11.05
C ALA C 102 10.09 2.25 -9.71
N TYR C 103 10.21 0.92 -9.67
CA TYR C 103 10.55 0.20 -8.46
C TYR C 103 11.95 0.59 -7.96
N LEU C 104 12.94 0.59 -8.84
CA LEU C 104 14.30 0.98 -8.47
C LEU C 104 14.36 2.42 -7.99
N VAL C 105 13.69 3.36 -8.66
CA VAL C 105 13.68 4.77 -8.23
C VAL C 105 13.09 4.88 -6.84
N GLY C 106 11.94 4.26 -6.57
CA GLY C 106 11.36 4.27 -5.24
C GLY C 106 12.31 3.65 -4.20
N LEU C 107 12.99 2.56 -4.54
CA LEU C 107 13.97 1.96 -3.65
C LEU C 107 15.15 2.92 -3.38
N PHE C 108 15.62 3.63 -4.39
CA PHE C 108 16.68 4.61 -4.19
C PHE C 108 16.23 5.76 -3.30
N GLU C 109 14.97 6.19 -3.36
CA GLU C 109 14.48 7.21 -2.42
C GLU C 109 14.55 6.71 -0.97
N ASP C 110 14.09 5.50 -0.70
CA ASP C 110 14.21 4.91 0.62
C ASP C 110 15.66 4.75 1.06
N THR C 111 16.51 4.34 0.11
CA THR C 111 17.95 4.21 0.36
C THR C 111 18.55 5.55 0.75
N ASN C 112 18.16 6.64 0.08
CA ASN C 112 18.64 7.98 0.35
C ASN C 112 18.34 8.37 1.79
N LEU C 113 17.11 8.11 2.25
CA LEU C 113 16.74 8.36 3.65
C LEU C 113 17.63 7.58 4.61
N CYS C 114 17.91 6.31 4.33
CA CYS C 114 18.76 5.52 5.23
C CYS C 114 20.17 6.08 5.35
N ALA C 115 20.76 6.57 4.26
CA ALA C 115 22.06 7.21 4.34
C ALA C 115 22.00 8.51 5.15
N ILE C 116 21.00 9.35 4.89
CA ILE C 116 20.78 10.62 5.60
C ILE C 116 20.59 10.38 7.09
N HIS C 117 19.85 9.35 7.46
CA HIS C 117 19.64 8.94 8.85
C HIS C 117 20.96 8.60 9.54
N ALA C 118 21.84 7.89 8.85
CA ALA C 118 23.19 7.62 9.29
C ALA C 118 24.13 8.84 9.23
N LYS C 119 23.64 10.03 8.89
CA LYS C 119 24.40 11.25 8.64
C LYS C 119 25.38 11.19 7.46
N ARG C 120 25.35 10.14 6.65
CA ARG C 120 26.01 10.10 5.35
C ARG C 120 25.19 10.87 4.32
N VAL C 121 25.81 11.21 3.21
CA VAL C 121 25.10 11.57 1.96
C VAL C 121 25.35 10.54 0.87
N THR C 122 26.43 9.78 0.99
CA THR C 122 26.76 8.65 0.14
C THR C 122 25.87 7.46 0.47
N ILE C 123 25.05 6.99 -0.47
CA ILE C 123 24.40 5.69 -0.29
C ILE C 123 25.40 4.54 -0.44
N MET C 124 25.14 3.45 0.28
CA MET C 124 25.99 2.27 0.41
C MET C 124 25.13 1.00 0.49
N PRO C 125 25.65 -0.21 0.20
CA PRO C 125 24.81 -1.41 0.08
C PRO C 125 23.96 -1.71 1.32
N LYS C 126 24.49 -1.42 2.51
CA LYS C 126 23.78 -1.51 3.78
C LYS C 126 22.49 -0.68 3.82
N ASP C 127 22.44 0.46 3.15
CA ASP C 127 21.22 1.26 3.04
C ASP C 127 20.14 0.55 2.23
N ILE C 128 20.50 -0.03 1.08
CA ILE C 128 19.57 -0.81 0.28
C ILE C 128 19.05 -1.98 1.11
N GLN C 129 19.97 -2.71 1.74
CA GLN C 129 19.61 -3.86 2.56
C GLN C 129 18.70 -3.47 3.71
N LEU C 130 18.92 -2.32 4.34
CA LEU C 130 18.01 -1.83 5.35
C LEU C 130 16.64 -1.56 4.77
N ALA C 131 16.56 -0.70 3.74
CA ALA C 131 15.28 -0.29 3.18
C ALA C 131 14.46 -1.51 2.77
N ARG C 132 15.06 -2.45 2.06
CA ARG C 132 14.40 -3.68 1.66
C ARG C 132 13.91 -4.49 2.85
N ARG C 133 14.71 -4.58 3.92
CA ARG C 133 14.33 -5.30 5.13
C ARG C 133 13.20 -4.64 5.91
N ILE C 134 13.14 -3.31 5.94
CA ILE C 134 12.01 -2.58 6.50
C ILE C 134 10.76 -2.80 5.64
N ARG C 135 10.90 -2.74 4.31
CA ARG C 135 9.80 -3.07 3.40
C ARG C 135 9.33 -4.51 3.52
N GLY C 136 10.16 -5.39 4.08
CA GLY C 136 9.90 -6.83 4.17
C GLY C 136 10.10 -7.59 2.86
N GLU C 137 10.87 -7.06 1.91
CA GLU C 137 11.21 -7.78 0.68
C GLU C 137 12.06 -9.02 0.97
N ASN D 29 25.07 -11.06 -19.35
CA ASN D 29 23.95 -10.16 -19.74
C ASN D 29 23.62 -9.05 -18.74
N ILE D 30 23.48 -9.29 -17.42
CA ILE D 30 23.05 -8.25 -16.46
C ILE D 30 23.93 -7.00 -16.44
N GLN D 31 25.23 -7.13 -16.72
CA GLN D 31 26.16 -6.01 -16.87
C GLN D 31 25.80 -5.05 -18.02
N GLY D 32 24.87 -5.41 -18.90
CA GLY D 32 24.27 -4.52 -19.88
C GLY D 32 23.39 -3.43 -19.26
N ILE D 33 22.98 -3.55 -17.99
CA ILE D 33 22.45 -2.43 -17.20
C ILE D 33 23.67 -1.60 -16.77
N THR D 34 23.99 -0.58 -17.56
CA THR D 34 25.25 0.14 -17.48
C THR D 34 25.38 0.93 -16.18
N LYS D 35 26.62 1.19 -15.77
CA LYS D 35 26.88 2.01 -14.58
C LYS D 35 26.19 3.37 -14.64
N PRO D 36 26.31 4.18 -15.70
CA PRO D 36 25.59 5.42 -15.78
C PRO D 36 24.08 5.24 -15.78
N ALA D 37 23.53 4.16 -16.34
CA ALA D 37 22.09 3.95 -16.28
C ALA D 37 21.61 3.79 -14.85
N ILE D 38 22.35 3.07 -14.00
CA ILE D 38 22.02 3.00 -12.58
C ILE D 38 22.16 4.37 -11.93
N ARG D 39 23.21 5.14 -12.23
CA ARG D 39 23.34 6.51 -11.72
C ARG D 39 22.12 7.34 -12.08
N ARG D 40 21.67 7.32 -13.34
CA ARG D 40 20.45 8.06 -13.73
C ARG D 40 19.25 7.69 -12.87
N LEU D 41 19.04 6.42 -12.61
CA LEU D 41 17.95 5.99 -11.73
C LEU D 41 18.11 6.55 -10.32
N ALA D 42 19.30 6.42 -9.73
CA ALA D 42 19.59 6.98 -8.43
C ALA D 42 19.36 8.51 -8.42
N ARG D 43 19.73 9.21 -9.49
CA ARG D 43 19.50 10.65 -9.63
C ARG D 43 18.02 10.98 -9.65
N ARG D 44 17.20 10.23 -10.38
CA ARG D 44 15.74 10.43 -10.35
C ARG D 44 15.23 10.18 -8.93
N GLY D 45 15.79 9.21 -8.23
CA GLY D 45 15.57 8.97 -6.80
C GLY D 45 16.15 10.02 -5.84
N GLY D 46 16.74 11.11 -6.34
CA GLY D 46 17.27 12.19 -5.51
C GLY D 46 18.63 11.90 -4.84
N VAL D 47 19.33 10.84 -5.21
CA VAL D 47 20.59 10.45 -4.57
C VAL D 47 21.76 11.31 -5.06
N LYS D 48 22.48 11.95 -4.14
CA LYS D 48 23.61 12.84 -4.49
C LYS D 48 24.94 12.13 -4.70
N ARG D 49 25.32 11.19 -3.84
CA ARG D 49 26.63 10.51 -3.86
C ARG D 49 26.43 9.01 -3.72
N ILE D 50 27.19 8.21 -4.45
CA ILE D 50 26.89 6.80 -4.68
C ILE D 50 28.17 5.99 -4.49
N SER D 51 28.25 5.16 -3.46
CA SER D 51 29.44 4.31 -3.31
C SER D 51 29.41 3.18 -4.33
N GLY D 52 30.54 2.90 -4.98
CA GLY D 52 30.59 2.05 -6.17
C GLY D 52 30.09 0.62 -5.98
N LEU D 53 30.08 0.12 -4.74
CA LEU D 53 29.48 -1.18 -4.42
C LEU D 53 27.98 -1.23 -4.73
N ILE D 54 27.30 -0.08 -4.81
CA ILE D 54 25.88 0.01 -5.12
C ILE D 54 25.54 -0.59 -6.48
N TYR D 55 26.39 -0.47 -7.50
CA TYR D 55 26.02 -0.93 -8.84
C TYR D 55 25.76 -2.43 -8.85
N GLU D 56 26.71 -3.21 -8.32
CA GLU D 56 26.57 -4.66 -8.26
C GLU D 56 25.46 -5.08 -7.33
N GLU D 57 25.26 -4.38 -6.22
CA GLU D 57 24.12 -4.64 -5.37
C GLU D 57 22.79 -4.41 -6.12
N THR D 58 22.68 -3.31 -6.85
CA THR D 58 21.45 -2.95 -7.54
C THR D 58 21.15 -3.94 -8.65
N ARG D 59 22.16 -4.36 -9.40
CA ARG D 59 22.02 -5.40 -10.42
C ARG D 59 21.43 -6.68 -9.81
N GLY D 60 21.91 -7.08 -8.64
CA GLY D 60 21.36 -8.21 -7.90
C GLY D 60 19.88 -8.02 -7.58
N VAL D 61 19.52 -6.89 -6.97
CA VAL D 61 18.13 -6.55 -6.63
C VAL D 61 17.24 -6.59 -7.87
N LEU D 62 17.63 -5.90 -8.93
CA LEU D 62 16.86 -5.82 -10.16
C LEU D 62 16.59 -7.20 -10.74
N LYS D 63 17.60 -8.08 -10.77
CA LYS D 63 17.42 -9.44 -11.26
C LYS D 63 16.41 -10.22 -10.42
N VAL D 64 16.40 -10.06 -9.10
CA VAL D 64 15.34 -10.65 -8.28
C VAL D 64 13.98 -10.06 -8.63
N PHE D 65 13.89 -8.75 -8.79
CA PHE D 65 12.62 -8.12 -9.12
C PHE D 65 12.04 -8.61 -10.44
N LEU D 66 12.84 -8.62 -11.50
CA LEU D 66 12.43 -9.17 -12.78
C LEU D 66 12.08 -10.65 -12.69
N GLU D 67 12.84 -11.47 -11.97
CA GLU D 67 12.51 -12.88 -11.88
C GLU D 67 11.10 -13.10 -11.37
N ASN D 68 10.67 -12.40 -10.32
CA ASN D 68 9.33 -12.61 -9.79
C ASN D 68 8.24 -12.09 -10.72
N VAL D 69 8.42 -10.95 -11.36
CA VAL D 69 7.40 -10.44 -12.29
C VAL D 69 7.33 -11.32 -13.53
N ILE D 70 8.46 -11.66 -14.14
CA ILE D 70 8.48 -12.48 -15.34
C ILE D 70 7.91 -13.85 -15.04
N ARG D 71 8.30 -14.50 -13.94
CA ARG D 71 7.79 -15.84 -13.64
C ARG D 71 6.26 -15.82 -13.52
N ASP D 72 5.68 -14.81 -12.88
CA ASP D 72 4.23 -14.68 -12.82
C ASP D 72 3.62 -14.37 -14.19
N ALA D 73 4.18 -13.44 -14.96
CA ALA D 73 3.65 -13.11 -16.28
C ALA D 73 3.69 -14.33 -17.20
N VAL D 74 4.82 -15.02 -17.26
CA VAL D 74 4.99 -16.26 -18.02
C VAL D 74 3.99 -17.29 -17.56
N THR D 75 3.72 -17.39 -16.27
CA THR D 75 2.67 -18.28 -15.77
C THR D 75 1.29 -17.90 -16.32
N TYR D 76 0.91 -16.62 -16.36
CA TYR D 76 -0.35 -16.24 -17.01
C TYR D 76 -0.34 -16.58 -18.50
N THR D 77 0.76 -16.31 -19.21
CA THR D 77 0.88 -16.62 -20.63
C THR D 77 0.65 -18.10 -20.88
N GLU D 78 1.37 -18.95 -20.15
CA GLU D 78 1.33 -20.37 -20.35
C GLU D 78 -0.03 -20.96 -19.95
N HIS D 79 -0.64 -20.44 -18.90
CA HIS D 79 -2.02 -20.80 -18.55
C HIS D 79 -2.98 -20.59 -19.73
N ALA D 80 -2.87 -19.46 -20.41
CA ALA D 80 -3.69 -19.10 -21.57
C ALA D 80 -3.34 -19.86 -22.85
N LYS D 81 -2.38 -20.80 -22.79
CA LYS D 81 -1.87 -21.58 -23.92
C LYS D 81 -1.16 -20.76 -25.00
N ARG D 82 -0.92 -19.47 -24.75
CA ARG D 82 -0.15 -18.63 -25.66
C ARG D 82 1.34 -18.91 -25.55
N LYS D 83 2.10 -18.67 -26.62
CA LYS D 83 3.56 -18.48 -26.56
C LYS D 83 3.98 -17.02 -26.44
N THR D 84 3.23 -16.10 -27.02
CA THR D 84 3.53 -14.67 -26.90
C THR D 84 3.04 -14.10 -25.58
N VAL D 85 3.93 -13.52 -24.78
CA VAL D 85 3.61 -12.78 -23.56
C VAL D 85 2.92 -11.47 -23.93
N THR D 86 1.71 -11.22 -23.44
CA THR D 86 1.03 -9.94 -23.68
C THR D 86 1.37 -8.87 -22.68
N ALA D 87 1.07 -7.62 -23.00
CA ALA D 87 1.09 -6.55 -22.03
C ALA D 87 0.20 -6.88 -20.82
N MET D 88 -0.98 -7.43 -21.06
CA MET D 88 -1.88 -7.82 -19.98
C MET D 88 -1.26 -8.87 -19.07
N ASP D 89 -0.47 -9.80 -19.57
CA ASP D 89 0.20 -10.76 -18.72
C ASP D 89 1.12 -10.06 -17.72
N VAL D 90 1.87 -9.04 -18.17
CA VAL D 90 2.72 -8.24 -17.29
C VAL D 90 1.90 -7.42 -16.32
N VAL D 91 0.82 -6.80 -16.79
CA VAL D 91 -0.03 -5.98 -15.94
C VAL D 91 -0.65 -6.82 -14.83
N TYR D 92 -1.17 -8.00 -15.13
CA TYR D 92 -1.73 -8.90 -14.13
C TYR D 92 -0.68 -9.37 -13.13
N ALA D 93 0.53 -9.72 -13.60
CA ALA D 93 1.62 -10.08 -12.71
C ALA D 93 1.94 -8.96 -11.70
N LEU D 94 2.10 -7.74 -12.19
CA LEU D 94 2.34 -6.59 -11.34
C LEU D 94 1.17 -6.34 -10.40
N LYS D 95 -0.06 -6.43 -10.91
CA LYS D 95 -1.27 -6.19 -10.11
C LYS D 95 -1.38 -7.20 -8.97
N ARG D 96 -1.08 -8.47 -9.17
CA ARG D 96 -1.14 -9.45 -8.07
C ARG D 96 -0.05 -9.24 -7.03
N GLN D 97 1.10 -8.71 -7.43
CA GLN D 97 2.15 -8.31 -6.51
C GLN D 97 1.91 -6.92 -5.89
N GLY D 98 0.82 -6.25 -6.24
CA GLY D 98 0.44 -4.93 -5.73
C GLY D 98 1.22 -3.75 -6.32
N ARG D 99 2.17 -3.98 -7.23
CA ARG D 99 2.89 -2.92 -7.95
C ARG D 99 2.09 -2.40 -9.14
N THR D 100 0.81 -2.14 -8.95
CA THR D 100 -0.21 -1.93 -9.99
C THR D 100 0.20 -0.86 -11.00
N LEU D 101 0.41 -1.21 -12.25
CA LEU D 101 0.89 -0.31 -13.30
C LEU D 101 -0.22 0.06 -14.25
N TYR D 102 -0.58 1.34 -14.30
CA TYR D 102 -1.55 1.88 -15.24
C TYR D 102 -0.95 2.16 -16.61
N GLY D 103 -1.81 2.34 -17.61
CA GLY D 103 -1.46 2.86 -18.92
C GLY D 103 -1.33 1.81 -20.01
N PHE D 104 -1.07 0.56 -19.63
CA PHE D 104 -1.03 -0.59 -20.53
C PHE D 104 -2.28 -1.47 -20.47
N GLY D 105 -3.15 -1.27 -19.48
CA GLY D 105 -4.25 -2.18 -19.17
C GLY D 105 -5.27 -2.29 -20.29
N ARG E 15 -30.17 -48.26 -5.13
CA ARG E 15 -28.91 -47.52 -5.43
C ARG E 15 -27.69 -48.31 -4.95
N ALA E 16 -26.52 -48.03 -5.50
CA ALA E 16 -25.23 -48.36 -4.90
C ALA E 16 -25.02 -47.66 -3.56
N LYS E 17 -24.18 -48.25 -2.71
CA LYS E 17 -23.70 -47.64 -1.47
C LYS E 17 -23.04 -46.28 -1.73
N ALA E 18 -23.43 -45.27 -0.95
CA ALA E 18 -22.86 -43.93 -1.00
C ALA E 18 -21.36 -43.92 -0.66
N LYS E 19 -20.57 -43.20 -1.46
CA LYS E 19 -19.11 -43.14 -1.33
C LYS E 19 -18.67 -41.69 -1.37
N THR E 20 -17.94 -41.20 -0.37
CA THR E 20 -17.58 -39.78 -0.33
C THR E 20 -16.55 -39.47 -1.41
N ARG E 21 -16.63 -38.32 -2.07
CA ARG E 21 -15.62 -37.92 -3.05
C ARG E 21 -14.23 -37.83 -2.45
N SER E 22 -14.13 -37.40 -1.20
CA SER E 22 -12.90 -37.47 -0.42
C SER E 22 -12.27 -38.86 -0.41
N SER E 23 -13.04 -39.91 -0.19
CA SER E 23 -12.52 -41.28 -0.18
C SER E 23 -12.12 -41.78 -1.57
N ARG E 24 -12.75 -41.32 -2.66
CA ARG E 24 -12.26 -41.62 -4.02
C ARG E 24 -10.90 -40.99 -4.26
N ALA E 25 -10.74 -39.74 -3.85
CA ALA E 25 -9.51 -38.98 -3.97
C ALA E 25 -8.39 -39.38 -2.98
N GLY E 26 -8.69 -40.16 -1.94
CA GLY E 26 -7.71 -40.46 -0.88
C GLY E 26 -7.34 -39.24 -0.04
N LEU E 27 -8.28 -38.31 0.15
CA LEU E 27 -8.14 -37.09 0.95
C LEU E 27 -8.94 -37.20 2.23
N GLN E 28 -8.48 -36.54 3.27
CA GLN E 28 -9.24 -36.30 4.50
C GLN E 28 -10.12 -35.07 4.35
N PHE E 29 -9.66 -34.03 3.65
CA PHE E 29 -10.41 -32.80 3.45
C PHE E 29 -11.71 -33.02 2.67
N PRO E 30 -12.74 -32.21 2.91
CA PRO E 30 -14.08 -32.48 2.42
C PRO E 30 -14.30 -31.97 1.00
N VAL E 31 -14.09 -32.81 0.00
CA VAL E 31 -14.33 -32.46 -1.42
C VAL E 31 -15.75 -31.97 -1.62
N GLY E 32 -16.73 -32.55 -0.94
CA GLY E 32 -18.14 -32.15 -1.00
C GLY E 32 -18.35 -30.71 -0.55
N ARG E 33 -17.88 -30.34 0.64
CA ARG E 33 -17.99 -28.98 1.17
C ARG E 33 -17.21 -27.98 0.31
N VAL E 34 -16.04 -28.36 -0.14
CA VAL E 34 -15.23 -27.50 -1.02
C VAL E 34 -15.99 -27.23 -2.32
N HIS E 35 -16.58 -28.24 -2.94
CA HIS E 35 -17.40 -28.04 -4.14
C HIS E 35 -18.58 -27.11 -3.90
N ARG E 36 -19.25 -27.26 -2.77
CA ARG E 36 -20.33 -26.35 -2.35
C ARG E 36 -19.80 -24.92 -2.25
N LEU E 37 -18.73 -24.70 -1.51
CA LEU E 37 -18.19 -23.35 -1.33
C LEU E 37 -17.71 -22.73 -2.63
N LEU E 38 -17.11 -23.49 -3.54
CA LEU E 38 -16.73 -22.94 -4.84
C LEU E 38 -17.94 -22.44 -5.64
N ARG E 39 -19.09 -23.12 -5.57
CA ARG E 39 -20.30 -22.60 -6.20
C ARG E 39 -20.82 -21.37 -5.46
N LYS E 40 -21.10 -21.49 -4.16
CA LYS E 40 -21.79 -20.43 -3.40
C LYS E 40 -20.93 -19.20 -3.10
N GLY E 41 -19.62 -19.30 -3.21
CA GLY E 41 -18.72 -18.14 -3.13
C GLY E 41 -18.73 -17.25 -4.39
N ASN E 42 -19.57 -17.55 -5.38
CA ASN E 42 -19.72 -16.80 -6.63
C ASN E 42 -18.43 -16.66 -7.45
N TYR E 43 -17.45 -17.56 -7.30
CA TYR E 43 -16.17 -17.39 -7.98
C TYR E 43 -16.25 -17.53 -9.51
N SER E 44 -17.25 -18.25 -10.03
CA SER E 44 -17.48 -18.42 -11.47
C SER E 44 -18.90 -18.90 -11.73
N GLU E 45 -19.34 -18.82 -12.99
CA GLU E 45 -20.62 -19.40 -13.40
C GLU E 45 -20.67 -20.91 -13.15
N ARG E 46 -19.55 -21.59 -13.38
CA ARG E 46 -19.44 -23.04 -13.38
C ARG E 46 -18.17 -23.51 -12.69
N VAL E 47 -18.17 -24.72 -12.16
CA VAL E 47 -17.09 -25.30 -11.38
C VAL E 47 -16.90 -26.75 -11.77
N GLY E 48 -15.81 -27.03 -12.48
CA GLY E 48 -15.51 -28.34 -13.05
C GLY E 48 -15.22 -29.40 -12.02
N ALA E 49 -15.62 -30.64 -12.27
CA ALA E 49 -15.67 -31.70 -11.27
C ALA E 49 -14.31 -32.06 -10.65
N GLY E 50 -13.20 -31.82 -11.33
CA GLY E 50 -11.85 -32.00 -10.76
C GLY E 50 -11.41 -30.87 -9.84
N ALA E 51 -11.94 -29.66 -10.00
CA ALA E 51 -11.50 -28.48 -9.24
C ALA E 51 -11.57 -28.66 -7.73
N PRO E 52 -12.68 -29.11 -7.11
CA PRO E 52 -12.73 -29.27 -5.69
C PRO E 52 -11.76 -30.34 -5.21
N VAL E 53 -11.51 -31.41 -5.97
CA VAL E 53 -10.52 -32.43 -5.60
C VAL E 53 -9.13 -31.82 -5.57
N TYR E 54 -8.75 -31.11 -6.61
CA TYR E 54 -7.42 -30.50 -6.70
C TYR E 54 -7.24 -29.51 -5.55
N LEU E 55 -8.22 -28.63 -5.31
CA LEU E 55 -8.14 -27.65 -4.24
C LEU E 55 -8.08 -28.31 -2.86
N ALA E 56 -8.90 -29.32 -2.60
CA ALA E 56 -8.89 -30.03 -1.33
C ALA E 56 -7.53 -30.68 -1.08
N ALA E 57 -6.93 -31.27 -2.09
CA ALA E 57 -5.62 -31.87 -1.97
C ALA E 57 -4.56 -30.83 -1.57
N VAL E 58 -4.64 -29.64 -2.17
CA VAL E 58 -3.69 -28.56 -1.90
C VAL E 58 -3.85 -28.02 -0.49
N LEU E 59 -5.09 -27.79 -0.04
CA LEU E 59 -5.36 -27.38 1.34
C LEU E 59 -4.84 -28.41 2.32
N GLU E 60 -5.11 -29.68 2.07
CA GLU E 60 -4.66 -30.77 2.89
C GLU E 60 -3.14 -30.83 2.96
N TYR E 61 -2.45 -30.73 1.82
CA TYR E 61 -1.00 -30.74 1.82
C TYR E 61 -0.43 -29.62 2.68
N LEU E 62 -0.87 -28.37 2.47
CA LEU E 62 -0.38 -27.26 3.26
C LEU E 62 -0.69 -27.40 4.74
N THR E 63 -1.87 -27.91 5.06
CA THR E 63 -2.25 -28.15 6.44
C THR E 63 -1.33 -29.17 7.08
N ALA E 64 -1.03 -30.26 6.38
CA ALA E 64 -0.10 -31.27 6.85
C ALA E 64 1.31 -30.70 6.98
N GLU E 65 1.75 -29.89 6.04
CA GLU E 65 3.05 -29.23 6.06
C GLU E 65 3.20 -28.34 7.30
N ILE E 66 2.18 -27.59 7.70
CA ILE E 66 2.26 -26.78 8.93
C ILE E 66 2.24 -27.68 10.16
N LEU E 67 1.28 -28.59 10.27
CA LEU E 67 1.17 -29.43 11.46
C LEU E 67 2.40 -30.33 11.62
N GLU E 68 3.04 -30.76 10.55
CA GLU E 68 4.33 -31.44 10.58
C GLU E 68 5.31 -30.63 11.41
N LEU E 69 5.57 -29.40 11.01
CA LEU E 69 6.54 -28.55 11.69
C LEU E 69 6.07 -28.14 13.09
N ALA E 70 4.78 -27.86 13.27
CA ALA E 70 4.25 -27.48 14.57
C ALA E 70 4.38 -28.59 15.60
N GLY E 71 4.08 -29.83 15.22
CA GLY E 71 4.25 -30.96 16.14
C GLY E 71 5.72 -31.15 16.50
N ASN E 72 6.64 -30.92 15.56
CA ASN E 72 8.06 -30.98 15.86
C ASN E 72 8.47 -29.91 16.86
N ALA E 73 8.04 -28.67 16.67
CA ALA E 73 8.31 -27.61 17.63
C ALA E 73 7.71 -27.93 19.01
N ALA E 74 6.50 -28.48 19.08
CA ALA E 74 5.92 -28.86 20.35
C ALA E 74 6.73 -29.96 21.04
N ARG E 75 7.18 -30.97 20.29
CA ARG E 75 8.08 -32.01 20.80
C ARG E 75 9.39 -31.43 21.30
N ASP E 76 10.01 -30.53 20.54
CA ASP E 76 11.25 -29.87 20.95
C ASP E 76 11.07 -29.03 22.22
N ASN E 77 9.92 -28.41 22.39
CA ASN E 77 9.55 -27.69 23.61
C ASN E 77 8.97 -28.60 24.71
N LYS E 78 8.97 -29.92 24.49
CA LYS E 78 8.53 -30.99 25.40
C LYS E 78 7.08 -30.89 25.85
N LYS E 79 6.21 -30.47 24.94
CA LYS E 79 4.74 -30.50 25.08
C LYS E 79 4.13 -31.50 24.10
N THR E 80 3.17 -32.29 24.55
CA THR E 80 2.44 -33.22 23.67
C THR E 80 1.34 -32.54 22.85
N ARG E 81 0.96 -31.32 23.22
CA ARG E 81 -0.15 -30.59 22.60
C ARG E 81 0.35 -29.39 21.81
N ILE E 82 -0.05 -29.26 20.55
CA ILE E 82 0.21 -28.06 19.75
C ILE E 82 -0.64 -26.91 20.27
N ILE E 83 -0.02 -25.77 20.48
CA ILE E 83 -0.66 -24.53 20.94
C ILE E 83 -0.18 -23.37 20.05
N PRO E 84 -0.84 -22.19 20.04
CA PRO E 84 -0.57 -21.13 19.08
C PRO E 84 0.91 -20.73 18.96
N ARG E 85 1.66 -20.76 20.06
CA ARG E 85 3.09 -20.53 20.09
C ARG E 85 3.85 -21.41 19.10
N HIS E 86 3.59 -22.71 19.13
CA HIS E 86 4.27 -23.64 18.21
C HIS E 86 3.90 -23.36 16.77
N LEU E 87 2.65 -22.97 16.46
CA LEU E 87 2.28 -22.56 15.09
C LEU E 87 3.12 -21.38 14.63
N GLN E 88 3.23 -20.33 15.45
CA GLN E 88 4.04 -19.17 15.12
C GLN E 88 5.50 -19.57 14.90
N LEU E 89 6.11 -20.30 15.83
CA LEU E 89 7.51 -20.70 15.71
C LEU E 89 7.74 -21.55 14.46
N ALA E 90 6.89 -22.53 14.21
CA ALA E 90 7.00 -23.39 13.04
C ALA E 90 6.90 -22.61 11.73
N ILE E 91 5.98 -21.65 11.65
CA ILE E 91 5.82 -20.81 10.47
C ILE E 91 7.04 -19.94 10.24
N ARG E 92 7.50 -19.20 11.26
CA ARG E 92 8.65 -18.28 11.08
C ARG E 92 9.98 -19.03 10.91
N ASN E 93 10.04 -20.30 11.26
CA ASN E 93 11.20 -21.15 11.00
C ASN E 93 11.25 -21.70 9.56
N ASP E 94 10.20 -21.66 8.76
CA ASP E 94 10.25 -22.12 7.36
C ASP E 94 10.17 -20.95 6.39
N GLU E 95 11.13 -20.85 5.48
CA GLU E 95 11.21 -19.69 4.60
C GLU E 95 10.01 -19.54 3.66
N GLU E 96 9.52 -20.64 3.09
CA GLU E 96 8.39 -20.58 2.17
C GLU E 96 7.07 -20.38 2.91
N LEU E 97 6.88 -20.96 4.08
CA LEU E 97 5.69 -20.62 4.88
C LEU E 97 5.75 -19.19 5.36
N ASN E 98 6.89 -18.71 5.85
CA ASN E 98 7.00 -17.32 6.27
C ASN E 98 6.79 -16.38 5.09
N LYS E 99 7.21 -16.76 3.88
CA LYS E 99 6.95 -16.02 2.65
C LYS E 99 5.47 -16.03 2.26
N LEU E 100 4.79 -17.16 2.43
CA LEU E 100 3.35 -17.29 2.20
C LEU E 100 2.52 -16.49 3.21
N LEU E 101 3.03 -16.34 4.43
CA LEU E 101 2.30 -15.81 5.58
C LEU E 101 2.97 -14.58 6.22
N GLY E 102 3.77 -13.84 5.45
CA GLY E 102 4.57 -12.72 5.96
C GLY E 102 3.73 -11.57 6.51
N ARG E 103 2.51 -11.38 6.00
CA ARG E 103 1.57 -10.36 6.47
C ARG E 103 0.43 -10.90 7.34
N VAL E 104 0.63 -12.06 7.96
CA VAL E 104 -0.32 -12.69 8.90
C VAL E 104 0.16 -12.54 10.33
N THR E 105 -0.75 -12.16 11.23
CA THR E 105 -0.53 -12.14 12.68
C THR E 105 -1.22 -13.35 13.29
N ILE E 106 -0.52 -14.09 14.13
CA ILE E 106 -1.05 -15.22 14.87
C ILE E 106 -1.43 -14.77 16.28
N ALA E 107 -2.71 -14.81 16.66
CA ALA E 107 -3.10 -14.53 18.04
C ALA E 107 -2.36 -15.46 19.00
N GLN E 108 -1.92 -14.96 20.15
CA GLN E 108 -1.11 -15.69 21.12
C GLN E 108 0.21 -16.26 20.55
N GLY E 109 0.73 -15.75 19.43
CA GLY E 109 1.95 -16.29 18.83
C GLY E 109 3.25 -15.84 19.49
N GLY E 110 3.33 -14.60 19.95
CA GLY E 110 4.61 -13.96 20.28
C GLY E 110 5.52 -13.84 19.04
N VAL E 111 6.84 -13.80 19.25
CA VAL E 111 7.85 -13.58 18.19
C VAL E 111 8.99 -14.60 18.27
N LEU E 112 9.80 -14.70 17.23
CA LEU E 112 11.03 -15.49 17.31
C LEU E 112 11.97 -14.96 18.40
N PRO E 113 12.65 -15.83 19.16
CA PRO E 113 13.72 -15.39 20.03
C PRO E 113 14.86 -14.85 19.17
N ASN E 114 15.11 -13.54 19.25
CA ASN E 114 16.06 -12.86 18.39
C ASN E 114 16.55 -11.55 19.02
N ILE E 115 17.84 -11.49 19.35
CA ILE E 115 18.55 -10.28 19.76
C ILE E 115 19.58 -9.95 18.70
N GLN E 116 19.61 -8.71 18.21
CA GLN E 116 20.63 -8.28 17.26
C GLN E 116 22.03 -8.37 17.87
N ALA E 117 22.97 -9.02 17.19
CA ALA E 117 24.26 -9.43 17.76
C ALA E 117 25.09 -8.30 18.39
N VAL E 118 24.99 -7.09 17.86
CA VAL E 118 25.66 -5.88 18.38
C VAL E 118 25.23 -5.48 19.80
N LEU E 119 24.03 -5.87 20.23
CA LEU E 119 23.45 -5.50 21.52
C LEU E 119 24.02 -6.29 22.71
N LEU E 120 24.70 -7.40 22.44
CA LEU E 120 25.28 -8.28 23.46
C LEU E 120 26.55 -7.68 24.10
N PRO E 121 26.85 -7.97 25.37
CA PRO E 121 28.04 -7.44 26.05
C PRO E 121 29.34 -8.00 25.45
N LYS E 122 30.42 -7.24 25.60
CA LYS E 122 31.72 -7.47 24.93
C LYS E 122 32.39 -8.80 25.32
N SER F 36 -30.00 -24.16 15.01
CA SER F 36 -28.78 -23.44 14.56
C SER F 36 -27.64 -24.42 14.33
N ARG F 37 -26.82 -24.21 13.28
CA ARG F 37 -25.75 -25.14 12.88
C ARG F 37 -24.58 -24.42 12.19
N LYS F 38 -23.43 -24.40 12.83
CA LYS F 38 -22.15 -23.94 12.26
C LYS F 38 -21.50 -25.05 11.42
N GLU F 39 -20.41 -24.72 10.74
CA GLU F 39 -19.50 -25.66 10.09
C GLU F 39 -18.05 -25.19 10.20
N SER F 40 -17.09 -26.12 10.27
CA SER F 40 -15.65 -25.84 10.39
C SER F 40 -14.80 -26.90 9.72
N TYR F 41 -13.52 -26.65 9.50
CA TYR F 41 -12.57 -27.65 9.04
C TYR F 41 -12.01 -28.53 10.16
N SER F 42 -12.46 -28.36 11.39
CA SER F 42 -11.77 -28.89 12.56
C SER F 42 -11.56 -30.38 12.54
N ILE F 43 -12.51 -31.18 12.04
CA ILE F 43 -12.32 -32.63 12.05
C ILE F 43 -11.28 -33.07 11.02
N TYR F 44 -11.22 -32.42 9.87
CA TYR F 44 -10.23 -32.76 8.85
C TYR F 44 -8.84 -32.34 9.29
N VAL F 45 -8.73 -31.17 9.93
CA VAL F 45 -7.50 -30.74 10.60
C VAL F 45 -7.07 -31.80 11.61
N TYR F 46 -7.99 -32.31 12.42
CA TYR F 46 -7.66 -33.35 13.39
C TYR F 46 -7.18 -34.64 12.73
N LYS F 47 -7.86 -35.10 11.68
CA LYS F 47 -7.45 -36.31 10.95
C LYS F 47 -6.04 -36.18 10.37
N VAL F 48 -5.76 -35.06 9.72
CA VAL F 48 -4.41 -34.79 9.20
C VAL F 48 -3.39 -34.80 10.32
N LEU F 49 -3.70 -34.20 11.48
CA LEU F 49 -2.79 -34.22 12.62
C LEU F 49 -2.45 -35.65 13.02
N LYS F 50 -3.46 -36.51 13.19
CA LYS F 50 -3.23 -37.91 13.55
C LYS F 50 -2.33 -38.63 12.54
N GLN F 51 -2.31 -38.21 11.29
CA GLN F 51 -1.48 -38.81 10.26
C GLN F 51 -0.03 -38.32 10.28
N VAL F 52 0.24 -37.04 10.52
CA VAL F 52 1.62 -36.55 10.60
C VAL F 52 2.26 -36.86 11.94
N HIS F 53 1.50 -36.84 13.03
CA HIS F 53 1.97 -37.02 14.41
C HIS F 53 0.92 -37.78 15.22
N PRO F 54 0.96 -39.12 15.25
CA PRO F 54 -0.06 -39.91 15.93
C PRO F 54 -0.27 -39.51 17.39
N ASP F 55 0.80 -39.31 18.16
CA ASP F 55 0.74 -39.06 19.60
C ASP F 55 0.27 -37.64 19.99
N THR F 56 0.37 -36.69 19.07
CA THR F 56 0.19 -35.26 19.38
C THR F 56 -1.29 -34.87 19.42
N GLY F 57 -1.67 -34.05 20.39
CA GLY F 57 -2.97 -33.37 20.44
C GLY F 57 -2.89 -31.90 20.02
N ILE F 58 -4.01 -31.21 19.87
CA ILE F 58 -4.03 -29.79 19.48
C ILE F 58 -5.02 -28.97 20.30
N SER F 59 -4.61 -27.77 20.72
CA SER F 59 -5.48 -26.92 21.52
C SER F 59 -6.62 -26.34 20.71
N SER F 60 -7.71 -25.92 21.36
CA SER F 60 -8.83 -25.29 20.67
C SER F 60 -8.45 -23.96 20.03
N LYS F 61 -7.59 -23.14 20.66
CA LYS F 61 -7.09 -21.93 20.02
C LYS F 61 -6.23 -22.24 18.80
N ALA F 62 -5.34 -23.23 18.88
CA ALA F 62 -4.57 -23.65 17.72
C ALA F 62 -5.49 -24.16 16.60
N MET F 63 -6.52 -24.92 16.94
CA MET F 63 -7.54 -25.35 15.98
C MET F 63 -8.28 -24.17 15.34
N GLY F 64 -8.64 -23.15 16.11
CA GLY F 64 -9.23 -21.91 15.60
C GLY F 64 -8.32 -21.18 14.61
N ILE F 65 -7.02 -21.16 14.86
CA ILE F 65 -6.05 -20.61 13.93
C ILE F 65 -6.03 -21.43 12.64
N MET F 66 -6.00 -22.75 12.71
CA MET F 66 -6.03 -23.57 11.50
C MET F 66 -7.30 -23.32 10.69
N ASN F 67 -8.46 -23.21 11.32
CA ASN F 67 -9.68 -22.85 10.60
C ASN F 67 -9.59 -21.50 9.92
N SER F 68 -8.97 -20.49 10.55
CA SER F 68 -8.75 -19.18 9.90
C SER F 68 -7.85 -19.34 8.68
N PHE F 69 -6.72 -20.03 8.83
CA PHE F 69 -5.73 -20.26 7.80
C PHE F 69 -6.32 -20.99 6.60
N VAL F 70 -7.02 -22.10 6.85
CA VAL F 70 -7.66 -22.88 5.78
C VAL F 70 -8.64 -22.01 5.00
N ASN F 71 -9.47 -21.22 5.67
CA ASN F 71 -10.36 -20.30 4.98
C ASN F 71 -9.61 -19.22 4.20
N ASP F 72 -8.53 -18.65 4.74
CA ASP F 72 -7.75 -17.64 4.04
C ASP F 72 -7.18 -18.23 2.74
N ILE F 73 -6.47 -19.34 2.83
CA ILE F 73 -5.87 -19.96 1.65
C ILE F 73 -6.92 -20.41 0.65
N PHE F 74 -8.03 -20.98 1.10
CA PHE F 74 -9.15 -21.27 0.21
C PHE F 74 -9.60 -20.01 -0.54
N GLU F 75 -9.79 -18.89 0.15
CA GLU F 75 -10.20 -17.65 -0.50
C GLU F 75 -9.13 -17.06 -1.41
N ARG F 76 -7.84 -17.18 -1.11
CA ARG F 76 -6.79 -16.73 -2.03
C ARG F 76 -6.85 -17.53 -3.32
N ILE F 77 -6.84 -18.86 -3.21
CA ILE F 77 -6.78 -19.73 -4.39
C ILE F 77 -8.03 -19.54 -5.23
N ALA F 78 -9.22 -19.59 -4.63
CA ALA F 78 -10.46 -19.42 -5.35
C ALA F 78 -10.56 -18.04 -5.98
N GLY F 79 -10.15 -16.99 -5.27
CA GLY F 79 -10.08 -15.65 -5.82
C GLY F 79 -9.19 -15.58 -7.05
N GLU F 80 -7.99 -16.13 -7.00
CA GLU F 80 -7.10 -16.09 -8.16
C GLU F 80 -7.63 -16.92 -9.32
N ALA F 81 -8.16 -18.10 -9.04
CA ALA F 81 -8.80 -18.91 -10.05
C ALA F 81 -9.97 -18.20 -10.72
N SER F 82 -10.72 -17.37 -10.00
CA SER F 82 -11.77 -16.54 -10.58
C SER F 82 -11.20 -15.53 -11.57
N ARG F 83 -10.13 -14.83 -11.18
CA ARG F 83 -9.48 -13.86 -12.08
C ARG F 83 -8.98 -14.53 -13.34
N LEU F 84 -8.29 -15.66 -13.23
CA LEU F 84 -7.78 -16.39 -14.39
C LEU F 84 -8.90 -16.75 -15.36
N ALA F 85 -9.98 -17.33 -14.84
CA ALA F 85 -11.13 -17.67 -15.65
C ALA F 85 -11.70 -16.43 -16.36
N HIS F 86 -11.89 -15.34 -15.62
CA HIS F 86 -12.41 -14.09 -16.13
C HIS F 86 -11.51 -13.49 -17.23
N TYR F 87 -10.20 -13.40 -16.98
CA TYR F 87 -9.22 -12.91 -17.94
C TYR F 87 -9.23 -13.69 -19.25
N ASN F 88 -9.48 -15.00 -19.23
CA ASN F 88 -9.51 -15.83 -20.44
C ASN F 88 -10.92 -16.07 -20.99
N LYS F 89 -11.91 -15.30 -20.54
CA LYS F 89 -13.33 -15.41 -20.88
C LYS F 89 -13.97 -16.77 -20.57
N ARG F 90 -13.25 -17.69 -19.93
CA ARG F 90 -13.78 -19.00 -19.52
C ARG F 90 -14.78 -18.78 -18.40
N SER F 91 -15.97 -19.34 -18.53
CA SER F 91 -16.99 -19.28 -17.50
C SER F 91 -16.78 -20.32 -16.39
N THR F 92 -16.01 -21.37 -16.62
CA THR F 92 -15.82 -22.47 -15.67
C THR F 92 -14.46 -22.39 -14.98
N ILE F 93 -14.41 -22.38 -13.65
CA ILE F 93 -13.18 -22.77 -12.94
C ILE F 93 -13.01 -24.27 -13.09
N THR F 94 -11.88 -24.73 -13.58
CA THR F 94 -11.52 -26.15 -13.66
C THR F 94 -10.30 -26.42 -12.80
N SER F 95 -9.85 -27.68 -12.76
CA SER F 95 -8.55 -28.03 -12.19
C SER F 95 -7.41 -27.21 -12.78
N ARG F 96 -7.43 -26.89 -14.07
CA ARG F 96 -6.39 -26.09 -14.73
C ARG F 96 -6.28 -24.71 -14.13
N GLU F 97 -7.39 -24.03 -13.85
CA GLU F 97 -7.33 -22.75 -13.17
C GLU F 97 -6.78 -22.90 -11.75
N ILE F 98 -7.16 -23.93 -11.00
CA ILE F 98 -6.60 -24.15 -9.67
C ILE F 98 -5.10 -24.39 -9.74
N GLN F 99 -4.65 -25.31 -10.58
CA GLN F 99 -3.24 -25.62 -10.76
C GLN F 99 -2.44 -24.38 -11.08
N THR F 100 -2.99 -23.49 -11.90
CA THR F 100 -2.32 -22.23 -12.20
C THR F 100 -2.31 -21.30 -10.99
N ALA F 101 -3.44 -21.10 -10.34
CA ALA F 101 -3.55 -20.23 -9.17
C ALA F 101 -2.54 -20.62 -8.08
N VAL F 102 -2.29 -21.90 -7.91
CA VAL F 102 -1.31 -22.42 -6.97
C VAL F 102 0.12 -22.07 -7.36
N ARG F 103 0.51 -22.17 -8.64
CA ARG F 103 1.85 -21.76 -9.08
C ARG F 103 2.11 -20.27 -8.89
N LEU F 104 1.06 -19.44 -8.91
CA LEU F 104 1.15 -18.03 -8.61
C LEU F 104 1.25 -17.75 -7.12
N LEU F 105 0.40 -18.36 -6.30
CA LEU F 105 0.27 -18.01 -4.89
C LEU F 105 1.37 -18.59 -4.00
N LEU F 106 1.74 -19.85 -4.20
CA LEU F 106 2.70 -20.50 -3.34
C LEU F 106 4.15 -20.23 -3.82
N PRO F 107 5.11 -20.09 -2.90
CA PRO F 107 6.52 -20.04 -3.27
C PRO F 107 7.06 -21.40 -3.74
N GLY F 108 7.97 -21.38 -4.71
CA GLY F 108 8.98 -22.40 -5.00
C GLY F 108 8.62 -23.87 -4.73
N GLU F 109 9.31 -24.51 -3.80
CA GLU F 109 9.16 -25.95 -3.57
C GLU F 109 7.79 -26.28 -3.00
N LEU F 110 7.30 -25.45 -2.08
CA LEU F 110 5.95 -25.56 -1.56
C LEU F 110 4.91 -25.60 -2.70
N ALA F 111 5.12 -24.80 -3.75
CA ALA F 111 4.31 -24.87 -4.96
C ALA F 111 4.46 -26.20 -5.69
N LYS F 112 5.68 -26.67 -5.97
CA LYS F 112 5.89 -27.92 -6.70
C LYS F 112 5.25 -29.11 -5.98
N HIS F 113 5.38 -29.18 -4.66
CA HIS F 113 4.72 -30.23 -3.89
C HIS F 113 3.20 -30.09 -3.94
N ALA F 114 2.65 -28.91 -3.71
CA ALA F 114 1.21 -28.70 -3.79
C ALA F 114 0.66 -29.09 -5.16
N VAL F 115 1.33 -28.71 -6.24
CA VAL F 115 0.97 -29.09 -7.61
C VAL F 115 1.05 -30.59 -7.82
N SER F 116 2.06 -31.26 -7.26
CA SER F 116 2.16 -32.70 -7.35
C SER F 116 1.02 -33.38 -6.60
N GLU F 117 0.73 -32.93 -5.38
CA GLU F 117 -0.38 -33.44 -4.58
C GLU F 117 -1.72 -33.24 -5.26
N GLY F 118 -2.01 -32.04 -5.77
CA GLY F 118 -3.22 -31.75 -6.51
C GLY F 118 -3.36 -32.67 -7.72
N THR F 119 -2.29 -32.85 -8.49
CA THR F 119 -2.28 -33.75 -9.63
C THR F 119 -2.58 -35.19 -9.22
N LYS F 120 -1.83 -35.74 -8.27
CA LYS F 120 -1.95 -37.11 -7.78
C LYS F 120 -3.35 -37.42 -7.26
N ALA F 121 -3.96 -36.46 -6.57
CA ALA F 121 -5.33 -36.59 -6.11
C ALA F 121 -6.33 -36.66 -7.27
N VAL F 122 -6.21 -35.80 -8.29
CA VAL F 122 -7.13 -35.84 -9.43
C VAL F 122 -6.97 -37.11 -10.24
N THR F 123 -5.76 -37.59 -10.53
CA THR F 123 -5.60 -38.85 -11.27
C THR F 123 -6.19 -40.02 -10.48
N LYS F 124 -6.03 -40.05 -9.16
CA LYS F 124 -6.69 -41.06 -8.33
C LYS F 124 -8.21 -40.93 -8.44
N TYR F 125 -8.75 -39.74 -8.28
CA TYR F 125 -10.19 -39.49 -8.37
C TYR F 125 -10.78 -39.80 -9.74
N THR F 126 -9.99 -39.72 -10.80
CA THR F 126 -10.44 -40.05 -12.17
C THR F 126 -10.79 -41.52 -12.30
N SER F 127 -10.15 -42.41 -11.53
CA SER F 127 -10.43 -43.84 -11.53
C SER F 127 -11.85 -44.20 -11.06
N LYS G 40 29.74 -4.07 52.93
CA LYS G 40 29.36 -4.83 51.73
C LYS G 40 28.41 -4.00 50.86
N LYS G 41 28.82 -3.57 49.66
CA LYS G 41 27.97 -2.84 48.71
C LYS G 41 26.81 -3.74 48.20
N PRO G 42 25.58 -3.23 48.08
CA PRO G 42 24.48 -3.98 47.46
C PRO G 42 24.82 -4.46 46.05
N HIS G 43 24.38 -5.65 45.69
CA HIS G 43 24.55 -6.16 44.34
C HIS G 43 23.74 -5.33 43.33
N ARG G 44 24.38 -4.88 42.24
CA ARG G 44 23.75 -4.14 41.14
C ARG G 44 24.25 -4.68 39.81
N TYR G 45 23.38 -5.06 38.90
CA TYR G 45 23.80 -5.39 37.53
C TYR G 45 24.25 -4.14 36.79
N ARG G 46 25.27 -4.23 35.95
CA ARG G 46 25.67 -3.07 35.13
C ARG G 46 24.59 -2.69 34.12
N PRO G 47 24.51 -1.42 33.67
CA PRO G 47 23.45 -0.97 32.79
C PRO G 47 23.34 -1.78 31.50
N GLY G 48 22.11 -1.92 31.02
CA GLY G 48 21.77 -2.76 29.87
C GLY G 48 21.72 -4.26 30.15
N THR G 49 22.38 -4.76 31.19
CA THR G 49 22.39 -6.19 31.50
C THR G 49 20.99 -6.69 31.85
N VAL G 50 20.23 -5.97 32.67
CA VAL G 50 18.87 -6.38 32.95
C VAL G 50 17.98 -6.14 31.75
N ALA G 51 18.20 -5.10 30.96
CA ALA G 51 17.46 -4.92 29.71
C ALA G 51 17.59 -6.15 28.80
N LEU G 52 18.78 -6.74 28.67
CA LEU G 52 18.92 -7.96 27.88
C LEU G 52 18.12 -9.10 28.48
N ARG G 53 18.13 -9.23 29.79
CA ARG G 53 17.36 -10.29 30.47
C ARG G 53 15.87 -10.11 30.25
N GLU G 54 15.36 -8.88 30.31
CA GLU G 54 13.99 -8.58 29.93
C GLU G 54 13.68 -8.99 28.49
N ILE G 55 14.57 -8.72 27.52
CA ILE G 55 14.33 -9.13 26.14
C ILE G 55 14.20 -10.65 26.08
N ARG G 56 15.09 -11.41 26.71
CA ARG G 56 14.98 -12.88 26.73
C ARG G 56 13.66 -13.35 27.36
N ARG G 57 13.22 -12.70 28.43
CA ARG G 57 11.93 -12.97 29.08
C ARG G 57 10.75 -12.69 28.18
N TYR G 58 10.61 -11.46 27.68
CA TYR G 58 9.42 -11.06 26.93
C TYR G 58 9.38 -11.56 25.51
N GLN G 59 10.47 -12.10 24.96
CA GLN G 59 10.45 -12.87 23.72
C GLN G 59 10.09 -14.34 23.95
N LYS G 60 10.47 -14.94 25.08
CA LYS G 60 10.06 -16.30 25.43
C LYS G 60 8.55 -16.38 25.63
N SER G 61 7.96 -15.44 26.37
CA SER G 61 6.54 -15.46 26.71
C SER G 61 5.63 -14.96 25.60
N THR G 62 4.37 -15.37 25.65
CA THR G 62 3.30 -14.96 24.71
C THR G 62 2.24 -14.06 25.34
N GLU G 63 2.39 -13.66 26.61
CA GLU G 63 1.41 -12.84 27.32
C GLU G 63 1.10 -11.56 26.55
N LEU G 64 -0.14 -11.05 26.65
CA LEU G 64 -0.44 -9.70 26.20
C LEU G 64 0.13 -8.68 27.19
N LEU G 65 0.96 -7.78 26.69
CA LEU G 65 1.84 -6.90 27.47
C LEU G 65 1.18 -5.60 27.93
N ILE G 66 0.13 -5.15 27.25
CA ILE G 66 -0.65 -3.97 27.64
C ILE G 66 -1.73 -4.39 28.64
N ARG G 67 -1.93 -3.61 29.69
CA ARG G 67 -2.97 -3.85 30.71
C ARG G 67 -4.34 -3.90 30.03
N LYS G 68 -5.13 -4.96 30.25
CA LYS G 68 -6.38 -5.19 29.50
C LYS G 68 -7.31 -3.98 29.59
N LEU G 69 -7.57 -3.51 30.80
CA LEU G 69 -8.63 -2.56 31.06
C LEU G 69 -8.32 -1.17 30.53
N PRO G 70 -7.11 -0.60 30.69
CA PRO G 70 -6.76 0.64 30.04
C PRO G 70 -6.79 0.57 28.52
N PHE G 71 -6.37 -0.56 27.91
CA PHE G 71 -6.51 -0.71 26.47
C PHE G 71 -7.98 -0.67 26.04
N GLN G 72 -8.85 -1.38 26.76
CA GLN G 72 -10.27 -1.39 26.47
C GLN G 72 -10.91 -0.01 26.64
N ARG G 73 -10.56 0.76 27.67
CA ARG G 73 -11.02 2.16 27.76
C ARG G 73 -10.56 3.00 26.58
N LEU G 74 -9.32 2.84 26.12
CA LEU G 74 -8.87 3.54 24.93
C LEU G 74 -9.70 3.18 23.70
N VAL G 75 -10.04 1.92 23.49
CA VAL G 75 -10.90 1.52 22.38
C VAL G 75 -12.24 2.22 22.45
N ARG G 76 -12.92 2.21 23.60
CA ARG G 76 -14.22 2.88 23.74
C ARG G 76 -14.08 4.39 23.51
N GLU G 77 -13.02 4.99 24.04
CA GLU G 77 -12.75 6.41 23.90
C GLU G 77 -12.56 6.81 22.43
N ILE G 78 -11.81 6.05 21.64
CA ILE G 78 -11.66 6.32 20.22
C ILE G 78 -12.98 6.08 19.50
N ALA G 79 -13.65 4.96 19.76
CA ALA G 79 -14.81 4.53 19.00
C ALA G 79 -15.94 5.56 19.00
N GLN G 80 -16.14 6.23 20.12
CA GLN G 80 -17.19 7.23 20.27
C GLN G 80 -17.01 8.46 19.38
N ASP G 81 -15.85 8.65 18.75
CA ASP G 81 -15.68 9.64 17.69
C ASP G 81 -16.35 9.27 16.37
N PHE G 82 -16.61 7.99 16.10
CA PHE G 82 -17.28 7.56 14.85
C PHE G 82 -18.77 7.30 15.03
N LYS G 83 -19.19 6.68 16.13
CA LYS G 83 -20.60 6.38 16.41
C LYS G 83 -20.85 6.35 17.91
N THR G 84 -21.88 7.03 18.37
CA THR G 84 -22.23 7.10 19.79
C THR G 84 -22.82 5.79 20.29
N ASP G 85 -22.53 5.46 21.54
CA ASP G 85 -23.16 4.36 22.29
C ASP G 85 -23.00 2.97 21.63
N LEU G 86 -21.86 2.75 20.98
CA LEU G 86 -21.40 1.43 20.52
C LEU G 86 -21.22 0.44 21.67
N ARG G 87 -21.22 -0.85 21.31
CA ARG G 87 -20.93 -1.99 22.19
C ARG G 87 -19.87 -2.85 21.54
N PHE G 88 -19.11 -3.63 22.30
CA PHE G 88 -18.12 -4.56 21.77
C PHE G 88 -18.35 -5.95 22.32
N GLN G 89 -18.31 -6.96 21.45
CA GLN G 89 -18.01 -8.30 21.92
C GLN G 89 -16.67 -8.28 22.65
N SER G 90 -16.54 -8.99 23.76
CA SER G 90 -15.29 -9.03 24.51
C SER G 90 -14.13 -9.53 23.64
N SER G 91 -14.37 -10.56 22.83
CA SER G 91 -13.39 -11.04 21.86
C SER G 91 -12.98 -10.01 20.81
N ALA G 92 -13.87 -9.08 20.43
CA ALA G 92 -13.50 -8.00 19.53
C ALA G 92 -12.43 -7.11 20.14
N VAL G 93 -12.50 -6.84 21.45
CA VAL G 93 -11.44 -6.09 22.14
C VAL G 93 -10.15 -6.89 22.15
N MET G 94 -10.21 -8.20 22.39
CA MET G 94 -9.01 -9.05 22.35
C MET G 94 -8.33 -9.01 20.98
N ALA G 95 -9.09 -9.11 19.90
CA ALA G 95 -8.57 -9.02 18.55
C ALA G 95 -7.90 -7.67 18.29
N LEU G 96 -8.51 -6.57 18.74
CA LEU G 96 -7.89 -5.25 18.62
C LEU G 96 -6.56 -5.21 19.36
N GLN G 97 -6.47 -5.77 20.57
CA GLN G 97 -5.22 -5.77 21.30
C GLN G 97 -4.17 -6.62 20.62
N GLU G 98 -4.48 -7.84 20.22
CA GLU G 98 -3.56 -8.71 19.49
C GLU G 98 -2.99 -8.03 18.24
N ALA G 99 -3.83 -7.34 17.49
CA ALA G 99 -3.39 -6.55 16.35
C ALA G 99 -2.44 -5.42 16.78
N CYS G 100 -2.81 -4.64 17.78
CA CYS G 100 -1.99 -3.53 18.24
C CYS G 100 -0.63 -3.97 18.77
N GLU G 101 -0.59 -5.00 19.62
CA GLU G 101 0.66 -5.52 20.13
C GLU G 101 1.54 -6.01 19.00
N ALA G 102 1.00 -6.79 18.07
CA ALA G 102 1.79 -7.24 16.93
C ALA G 102 2.29 -6.07 16.08
N TYR G 103 1.45 -5.08 15.83
CA TYR G 103 1.80 -3.92 15.02
C TYR G 103 2.92 -3.11 15.65
N LEU G 104 2.81 -2.76 16.94
CA LEU G 104 3.87 -2.01 17.59
C LEU G 104 5.15 -2.82 17.75
N VAL G 105 5.06 -4.11 18.08
CA VAL G 105 6.24 -4.96 18.18
C VAL G 105 6.99 -4.97 16.85
N GLY G 106 6.29 -5.17 15.74
CA GLY G 106 6.90 -5.19 14.43
C GLY G 106 7.55 -3.86 14.10
N LEU G 107 6.84 -2.76 14.33
CA LEU G 107 7.41 -1.43 14.16
C LEU G 107 8.65 -1.22 15.03
N PHE G 108 8.66 -1.70 16.28
CA PHE G 108 9.85 -1.60 17.11
C PHE G 108 11.01 -2.41 16.56
N GLU G 109 10.81 -3.59 15.99
CA GLU G 109 11.91 -4.28 15.31
C GLU G 109 12.50 -3.43 14.18
N ASP G 110 11.67 -2.84 13.34
CA ASP G 110 12.19 -1.97 12.27
C ASP G 110 12.89 -0.74 12.83
N THR G 111 12.32 -0.14 13.87
CA THR G 111 12.94 0.98 14.59
C THR G 111 14.32 0.59 15.11
N ASN G 112 14.45 -0.61 15.65
CA ASN G 112 15.70 -1.12 16.21
C ASN G 112 16.77 -1.23 15.13
N LEU G 113 16.40 -1.74 13.95
CA LEU G 113 17.30 -1.78 12.80
C LEU G 113 17.74 -0.36 12.41
N CYS G 114 16.83 0.60 12.38
CA CYS G 114 17.17 1.99 12.08
C CYS G 114 18.16 2.57 13.09
N ALA G 115 17.99 2.31 14.38
CA ALA G 115 18.94 2.80 15.36
C ALA G 115 20.31 2.16 15.15
N ILE G 116 20.35 0.83 15.02
CA ILE G 116 21.59 0.07 14.85
C ILE G 116 22.31 0.51 13.59
N HIS G 117 21.59 0.83 12.52
CA HIS G 117 22.16 1.30 11.27
C HIS G 117 22.87 2.64 11.42
N ALA G 118 22.32 3.53 12.24
CA ALA G 118 22.94 4.78 12.64
C ALA G 118 24.06 4.61 13.70
N LYS G 119 24.46 3.38 14.00
CA LYS G 119 25.38 3.01 15.10
C LYS G 119 24.89 3.38 16.51
N ARG G 120 23.63 3.76 16.69
CA ARG G 120 23.03 3.94 18.01
C ARG G 120 22.52 2.61 18.54
N VAL G 121 22.71 2.38 19.83
CA VAL G 121 21.97 1.35 20.56
C VAL G 121 20.56 1.83 20.89
N THR G 122 20.42 3.11 21.18
CA THR G 122 19.20 3.75 21.66
C THR G 122 18.24 4.05 20.54
N ILE G 123 17.00 3.57 20.59
CA ILE G 123 15.96 4.03 19.67
C ILE G 123 15.51 5.45 20.00
N MET G 124 15.17 6.22 18.98
CA MET G 124 14.77 7.62 19.06
C MET G 124 13.65 7.93 18.07
N PRO G 125 12.86 9.00 18.25
CA PRO G 125 11.67 9.23 17.43
C PRO G 125 11.95 9.28 15.92
N LYS G 126 13.10 9.79 15.49
CA LYS G 126 13.51 9.75 14.09
C LYS G 126 13.61 8.34 13.51
N ASP G 127 13.94 7.32 14.31
CA ASP G 127 13.86 5.93 13.86
C ASP G 127 12.43 5.50 13.54
N ILE G 128 11.48 5.87 14.40
CA ILE G 128 10.06 5.53 14.17
C ILE G 128 9.55 6.22 12.92
N GLN G 129 9.91 7.48 12.72
CA GLN G 129 9.52 8.26 11.56
C GLN G 129 10.13 7.66 10.28
N LEU G 130 11.39 7.25 10.32
CA LEU G 130 12.04 6.56 9.22
C LEU G 130 11.36 5.22 8.91
N ALA G 131 11.18 4.37 9.92
CA ALA G 131 10.59 3.06 9.71
C ALA G 131 9.21 3.18 9.07
N ARG G 132 8.36 4.10 9.55
CA ARG G 132 7.03 4.30 8.98
C ARG G 132 7.08 4.84 7.55
N ARG G 133 7.99 5.76 7.25
CA ARG G 133 8.11 6.31 5.90
C ARG G 133 8.60 5.28 4.89
N ILE G 134 9.52 4.39 5.25
CA ILE G 134 9.96 3.33 4.35
C ILE G 134 8.91 2.23 4.22
N ARG G 135 8.17 1.90 5.28
CA ARG G 135 6.98 1.04 5.19
C ARG G 135 5.88 1.61 4.30
N GLY G 136 5.90 2.91 4.03
CA GLY G 136 4.82 3.57 3.30
C GLY G 136 3.54 3.74 4.11
N GLU G 137 3.63 3.70 5.44
CA GLU G 137 2.51 4.08 6.33
C GLU G 137 2.33 5.61 6.40
N ARG G 138 3.33 6.34 5.90
CA ARG G 138 3.33 7.78 5.59
C ARG G 138 4.17 8.05 4.34
N LYS H 20 -33.74 5.21 32.23
CA LYS H 20 -32.87 5.36 31.05
C LYS H 20 -31.43 5.68 31.49
N ARG H 21 -30.43 5.19 30.76
CA ARG H 21 -28.99 5.48 31.02
C ARG H 21 -28.02 5.93 29.93
N HIS H 22 -26.90 6.48 30.33
CA HIS H 22 -25.72 6.85 29.51
C HIS H 22 -24.43 6.78 30.35
N ARG H 23 -23.27 6.81 29.69
CA ARG H 23 -21.96 7.00 30.31
C ARG H 23 -21.35 8.35 29.89
N LYS H 24 -20.66 9.01 30.83
CA LYS H 24 -19.93 10.26 30.58
C LYS H 24 -18.76 10.02 29.60
N VAL H 25 -18.51 10.97 28.70
CA VAL H 25 -17.49 10.81 27.65
C VAL H 25 -16.10 10.56 28.25
N LEU H 26 -15.39 9.59 27.69
CA LEU H 26 -14.06 9.16 28.13
C LEU H 26 -12.99 10.15 27.66
N ARG H 27 -12.02 10.45 28.53
CA ARG H 27 -10.96 11.42 28.26
C ARG H 27 -9.57 10.90 28.63
N ASP H 28 -8.60 11.19 27.78
CA ASP H 28 -7.17 10.98 27.97
C ASP H 28 -6.72 9.52 28.19
N ASN H 29 -7.56 8.53 27.89
CA ASN H 29 -7.19 7.12 28.13
C ASN H 29 -6.01 6.66 27.29
N ILE H 30 -5.53 7.44 26.33
CA ILE H 30 -4.23 7.19 25.69
C ILE H 30 -3.08 7.14 26.71
N GLN H 31 -3.10 7.94 27.77
CA GLN H 31 -2.10 7.82 28.83
C GLN H 31 -2.28 6.58 29.70
N GLY H 32 -3.39 5.85 29.54
CA GLY H 32 -3.54 4.50 30.06
C GLY H 32 -2.52 3.51 29.49
N ILE H 33 -1.98 3.77 28.31
CA ILE H 33 -0.87 3.00 27.74
C ILE H 33 0.41 3.39 28.48
N THR H 34 0.71 2.67 29.57
CA THR H 34 1.71 3.06 30.56
C THR H 34 3.11 3.11 29.96
N LYS H 35 4.00 3.93 30.52
CA LYS H 35 5.42 3.92 30.13
C LYS H 35 6.00 2.50 30.16
N PRO H 36 5.89 1.71 31.24
CA PRO H 36 6.42 0.37 31.24
C PRO H 36 5.69 -0.56 30.27
N ALA H 37 4.42 -0.38 29.93
CA ALA H 37 3.79 -1.19 28.87
C ALA H 37 4.47 -0.96 27.53
N ILE H 38 4.78 0.28 27.19
CA ILE H 38 5.50 0.59 25.96
C ILE H 38 6.89 -0.01 26.02
N ARG H 39 7.56 0.10 27.17
CA ARG H 39 8.86 -0.55 27.37
C ARG H 39 8.76 -2.04 27.12
N ARG H 40 7.78 -2.73 27.67
CA ARG H 40 7.60 -4.17 27.47
C ARG H 40 7.42 -4.50 25.99
N LEU H 41 6.61 -3.75 25.26
CA LEU H 41 6.48 -3.96 23.81
C LEU H 41 7.82 -3.81 23.11
N ALA H 42 8.58 -2.77 23.43
CA ALA H 42 9.90 -2.57 22.85
C ALA H 42 10.87 -3.70 23.23
N ARG H 43 10.82 -4.22 24.46
CA ARG H 43 11.62 -5.36 24.89
C ARG H 43 11.30 -6.59 24.07
N ARG H 44 10.04 -6.91 23.85
CA ARG H 44 9.64 -8.02 22.94
C ARG H 44 10.16 -7.76 21.53
N GLY H 45 10.09 -6.51 21.08
CA GLY H 45 10.69 -6.06 19.84
C GLY H 45 12.23 -6.00 19.81
N GLY H 46 12.91 -6.48 20.85
CA GLY H 46 14.37 -6.59 20.87
C GLY H 46 15.15 -5.29 21.12
N VAL H 47 14.51 -4.27 21.69
CA VAL H 47 15.15 -2.96 21.95
C VAL H 47 15.86 -2.94 23.29
N LYS H 48 17.16 -2.67 23.31
CA LYS H 48 17.96 -2.63 24.54
C LYS H 48 17.84 -1.31 25.30
N ARG H 49 17.80 -0.16 24.62
CA ARG H 49 17.80 1.17 25.26
C ARG H 49 16.80 2.10 24.58
N ILE H 50 16.00 2.83 25.35
CA ILE H 50 14.87 3.61 24.83
C ILE H 50 15.06 5.08 25.16
N SER H 51 15.12 5.96 24.15
CA SER H 51 15.14 7.38 24.48
C SER H 51 13.80 7.85 24.99
N GLY H 52 13.78 8.69 26.03
CA GLY H 52 12.56 9.12 26.71
C GLY H 52 11.52 9.81 25.84
N LEU H 53 11.91 10.31 24.68
CA LEU H 53 11.02 10.91 23.70
C LEU H 53 10.13 9.91 22.96
N ILE H 54 10.47 8.62 22.99
CA ILE H 54 9.74 7.57 22.25
C ILE H 54 8.28 7.43 22.70
N TYR H 55 7.96 7.65 23.97
CA TYR H 55 6.67 7.23 24.50
C TYR H 55 5.51 8.00 23.89
N GLU H 56 5.57 9.33 23.87
CA GLU H 56 4.52 10.13 23.23
C GLU H 56 4.40 9.87 21.74
N GLU H 57 5.53 9.69 21.06
CA GLU H 57 5.54 9.32 19.66
C GLU H 57 4.85 7.97 19.43
N THR H 58 5.11 7.01 20.29
CA THR H 58 4.49 5.69 20.19
C THR H 58 3.00 5.76 20.41
N ARG H 59 2.56 6.52 21.40
CA ARG H 59 1.13 6.73 21.65
C ARG H 59 0.47 7.36 20.43
N GLY H 60 1.11 8.34 19.81
CA GLY H 60 0.65 8.90 18.54
C GLY H 60 0.43 7.83 17.47
N VAL H 61 1.42 6.96 17.24
CA VAL H 61 1.31 5.89 16.25
C VAL H 61 0.19 4.92 16.58
N LEU H 62 0.11 4.47 17.83
CA LEU H 62 -0.92 3.52 18.23
C LEU H 62 -2.32 4.11 18.04
N LYS H 63 -2.50 5.38 18.36
CA LYS H 63 -3.79 6.02 18.21
C LYS H 63 -4.19 6.10 16.75
N VAL H 64 -3.28 6.46 15.86
CA VAL H 64 -3.52 6.47 14.41
C VAL H 64 -3.88 5.07 13.90
N PHE H 65 -3.18 4.05 14.34
CA PHE H 65 -3.50 2.67 13.96
C PHE H 65 -4.92 2.27 14.40
N LEU H 66 -5.24 2.47 15.68
CA LEU H 66 -6.55 2.15 16.22
C LEU H 66 -7.67 2.95 15.55
N GLU H 67 -7.48 4.23 15.24
CA GLU H 67 -8.48 5.01 14.53
C GLU H 67 -8.83 4.37 13.20
N ASN H 68 -7.85 3.95 12.42
CA ASN H 68 -8.14 3.32 11.14
C ASN H 68 -8.86 1.99 11.32
N VAL H 69 -8.37 1.10 12.18
CA VAL H 69 -8.99 -0.23 12.33
C VAL H 69 -10.41 -0.10 12.87
N ILE H 70 -10.63 0.73 13.88
CA ILE H 70 -11.95 0.95 14.44
C ILE H 70 -12.87 1.57 13.40
N ARG H 71 -12.45 2.59 12.64
CA ARG H 71 -13.32 3.24 11.66
C ARG H 71 -13.86 2.21 10.67
N ASP H 72 -13.01 1.36 10.14
CA ASP H 72 -13.46 0.29 9.26
C ASP H 72 -14.38 -0.70 9.98
N ALA H 73 -14.00 -1.19 11.16
CA ALA H 73 -14.81 -2.17 11.89
C ALA H 73 -16.21 -1.61 12.20
N VAL H 74 -16.28 -0.39 12.70
CA VAL H 74 -17.54 0.29 12.96
C VAL H 74 -18.36 0.40 11.67
N THR H 75 -17.70 0.60 10.53
CA THR H 75 -18.39 0.64 9.24
C THR H 75 -18.97 -0.72 8.87
N TYR H 76 -18.27 -1.83 9.12
CA TYR H 76 -18.87 -3.15 8.95
C TYR H 76 -20.03 -3.36 9.92
N THR H 77 -19.93 -2.92 11.17
CA THR H 77 -21.03 -2.99 12.14
C THR H 77 -22.25 -2.19 11.71
N GLU H 78 -22.06 -0.94 11.28
CA GLU H 78 -23.12 -0.10 10.70
C GLU H 78 -23.74 -0.75 9.47
N HIS H 79 -22.93 -1.34 8.59
CA HIS H 79 -23.47 -1.98 7.40
C HIS H 79 -24.39 -3.12 7.76
N ALA H 80 -24.01 -3.95 8.72
CA ALA H 80 -24.86 -5.02 9.21
C ALA H 80 -26.13 -4.53 9.94
N LYS H 81 -26.31 -3.22 10.12
CA LYS H 81 -27.34 -2.59 10.97
C LYS H 81 -27.26 -3.05 12.43
N ARG H 82 -26.12 -3.59 12.83
CA ARG H 82 -25.83 -3.93 14.23
C ARG H 82 -25.42 -2.68 15.00
N LYS H 83 -25.53 -2.76 16.32
CA LYS H 83 -24.93 -1.79 17.26
C LYS H 83 -23.69 -2.34 17.96
N THR H 84 -23.54 -3.65 18.04
CA THR H 84 -22.36 -4.29 18.65
C THR H 84 -21.27 -4.57 17.64
N VAL H 85 -20.07 -4.06 17.87
CA VAL H 85 -18.87 -4.43 17.13
C VAL H 85 -18.45 -5.84 17.50
N THR H 86 -18.31 -6.69 16.51
CA THR H 86 -17.95 -8.09 16.64
C THR H 86 -16.49 -8.33 16.33
N ALA H 87 -15.97 -9.48 16.74
CA ALA H 87 -14.64 -9.87 16.31
C ALA H 87 -14.53 -9.94 14.79
N MET H 88 -15.57 -10.41 14.10
CA MET H 88 -15.55 -10.42 12.64
C MET H 88 -15.43 -9.03 12.04
N ASP H 89 -16.11 -8.01 12.57
CA ASP H 89 -15.92 -6.64 12.10
C ASP H 89 -14.46 -6.21 12.17
N VAL H 90 -13.78 -6.56 13.26
CA VAL H 90 -12.37 -6.25 13.44
C VAL H 90 -11.50 -7.06 12.48
N VAL H 91 -11.76 -8.36 12.34
CA VAL H 91 -10.98 -9.21 11.46
C VAL H 91 -11.09 -8.73 10.02
N TYR H 92 -12.29 -8.35 9.57
CA TYR H 92 -12.45 -7.81 8.22
C TYR H 92 -11.71 -6.49 8.04
N ALA H 93 -11.73 -5.59 9.03
CA ALA H 93 -10.96 -4.36 8.95
C ALA H 93 -9.46 -4.66 8.78
N LEU H 94 -8.90 -5.50 9.64
CA LEU H 94 -7.50 -5.89 9.60
C LEU H 94 -7.12 -6.57 8.30
N LYS H 95 -8.00 -7.42 7.78
CA LYS H 95 -7.81 -8.13 6.51
C LYS H 95 -7.68 -7.15 5.37
N ARG H 96 -8.61 -6.19 5.26
CA ARG H 96 -8.52 -5.18 4.18
C ARG H 96 -7.37 -4.20 4.34
N GLN H 97 -6.86 -4.00 5.55
CA GLN H 97 -5.65 -3.20 5.79
C GLN H 97 -4.35 -4.00 5.61
N GLY H 98 -4.42 -5.26 5.20
CA GLY H 98 -3.24 -6.08 4.93
C GLY H 98 -2.47 -6.46 6.18
N ARG H 99 -3.18 -6.66 7.29
CA ARG H 99 -2.63 -7.09 8.58
C ARG H 99 -3.47 -8.22 9.12
N THR H 100 -3.73 -9.22 8.29
CA THR H 100 -4.70 -10.28 8.54
C THR H 100 -4.39 -11.02 9.83
N LEU H 101 -5.37 -11.16 10.70
CA LEU H 101 -5.22 -11.77 12.01
C LEU H 101 -5.88 -13.15 12.01
N TYR H 102 -5.15 -14.23 12.28
CA TYR H 102 -5.76 -15.53 12.54
C TYR H 102 -6.05 -15.70 14.03
N GLY H 103 -7.07 -16.48 14.35
CA GLY H 103 -7.41 -16.85 15.74
C GLY H 103 -8.77 -16.35 16.22
N PHE H 104 -9.47 -15.56 15.43
CA PHE H 104 -10.80 -15.06 15.77
C PHE H 104 -11.85 -15.28 14.67
N GLY H 105 -11.44 -15.51 13.43
CA GLY H 105 -12.33 -15.96 12.35
C GLY H 105 -12.70 -17.44 12.48
N GLY H 106 -13.71 -17.88 11.71
CA GLY H 106 -14.25 -19.25 11.70
C GLY H 106 -15.29 -19.52 12.79
N LYS I 19 -35.21 6.72 -24.04
CA LYS I 19 -34.51 7.42 -22.94
C LYS I 19 -33.30 6.58 -22.50
N THR I 20 -32.51 6.98 -21.49
CA THR I 20 -31.42 6.14 -20.95
C THR I 20 -31.30 6.30 -19.44
N ARG I 21 -30.77 5.28 -18.76
CA ARG I 21 -30.59 5.33 -17.30
C ARG I 21 -29.61 6.42 -16.90
N SER I 22 -28.56 6.64 -17.69
CA SER I 22 -27.65 7.76 -17.51
C SER I 22 -28.35 9.11 -17.56
N SER I 23 -29.27 9.31 -18.50
CA SER I 23 -29.99 10.59 -18.61
C SER I 23 -30.98 10.80 -17.47
N ARG I 24 -31.66 9.75 -16.99
CA ARG I 24 -32.48 9.89 -15.78
C ARG I 24 -31.65 10.17 -14.53
N ALA I 25 -30.42 9.67 -14.46
CA ALA I 25 -29.49 10.01 -13.39
C ALA I 25 -28.78 11.36 -13.57
N GLY I 26 -28.84 11.97 -14.76
CA GLY I 26 -28.06 13.19 -15.07
C GLY I 26 -26.54 12.97 -15.18
N LEU I 27 -26.09 11.72 -15.29
CA LEU I 27 -24.67 11.39 -15.41
C LEU I 27 -24.19 11.40 -16.87
N GLN I 28 -22.91 11.65 -17.05
CA GLN I 28 -22.17 11.35 -18.27
C GLN I 28 -21.72 9.89 -18.31
N PHE I 29 -21.42 9.27 -17.17
CA PHE I 29 -20.97 7.88 -17.14
C PHE I 29 -22.06 6.88 -17.55
N PRO I 30 -21.68 5.69 -18.03
CA PRO I 30 -22.60 4.80 -18.75
C PRO I 30 -23.32 3.82 -17.82
N VAL I 31 -24.42 4.24 -17.17
CA VAL I 31 -25.11 3.41 -16.18
C VAL I 31 -25.49 2.05 -16.74
N GLY I 32 -26.00 2.00 -17.97
CA GLY I 32 -26.39 0.74 -18.59
C GLY I 32 -25.24 -0.25 -18.65
N ARG I 33 -24.08 0.18 -19.15
CA ARG I 33 -22.86 -0.63 -19.19
C ARG I 33 -22.43 -1.07 -17.81
N VAL I 34 -22.50 -0.18 -16.82
CA VAL I 34 -22.11 -0.49 -15.44
C VAL I 34 -22.98 -1.61 -14.87
N HIS I 35 -24.29 -1.61 -15.12
CA HIS I 35 -25.15 -2.70 -14.65
C HIS I 35 -24.73 -4.03 -15.28
N ARG I 36 -24.54 -4.04 -16.59
CA ARG I 36 -24.12 -5.25 -17.29
C ARG I 36 -22.78 -5.75 -16.79
N LEU I 37 -21.80 -4.89 -16.54
CA LEU I 37 -20.52 -5.34 -15.98
C LEU I 37 -20.65 -5.86 -14.54
N LEU I 38 -21.51 -5.25 -13.72
CA LEU I 38 -21.74 -5.77 -12.38
C LEU I 38 -22.34 -7.17 -12.42
N ARG I 39 -23.33 -7.43 -13.28
CA ARG I 39 -23.88 -8.78 -13.40
C ARG I 39 -22.84 -9.76 -13.94
N LYS I 40 -22.18 -9.41 -15.05
CA LYS I 40 -21.28 -10.33 -15.75
C LYS I 40 -19.98 -10.64 -14.99
N GLY I 41 -19.54 -9.78 -14.06
CA GLY I 41 -18.33 -10.04 -13.27
C GLY I 41 -18.49 -11.08 -12.14
N ASN I 42 -19.70 -11.59 -11.92
CA ASN I 42 -20.00 -12.50 -10.81
C ASN I 42 -19.71 -11.89 -9.43
N TYR I 43 -19.88 -10.58 -9.27
CA TYR I 43 -19.76 -9.96 -7.95
C TYR I 43 -20.85 -10.38 -6.97
N SER I 44 -22.03 -10.77 -7.45
CA SER I 44 -23.14 -11.22 -6.61
C SER I 44 -24.18 -11.96 -7.44
N GLU I 45 -25.10 -12.64 -6.75
CA GLU I 45 -26.23 -13.30 -7.42
C GLU I 45 -27.18 -12.31 -8.09
N ARG I 46 -27.31 -11.12 -7.52
CA ARG I 46 -28.25 -10.08 -7.92
C ARG I 46 -27.66 -8.70 -7.78
N VAL I 47 -28.15 -7.75 -8.57
CA VAL I 47 -27.68 -6.37 -8.59
C VAL I 47 -28.89 -5.46 -8.69
N GLY I 48 -29.16 -4.72 -7.62
CA GLY I 48 -30.30 -3.82 -7.56
C GLY I 48 -30.15 -2.61 -8.47
N ALA I 49 -31.25 -2.09 -8.99
CA ALA I 49 -31.22 -1.03 -9.99
C ALA I 49 -30.49 0.25 -9.54
N GLY I 50 -30.49 0.55 -8.24
CA GLY I 50 -29.77 1.71 -7.70
C GLY I 50 -28.27 1.55 -7.63
N ALA I 51 -27.75 0.32 -7.57
CA ALA I 51 -26.32 0.08 -7.44
C ALA I 51 -25.50 0.66 -8.60
N PRO I 52 -25.77 0.32 -9.87
CA PRO I 52 -25.00 0.88 -10.97
C PRO I 52 -25.16 2.40 -11.06
N VAL I 53 -26.31 2.98 -10.66
CA VAL I 53 -26.44 4.45 -10.62
C VAL I 53 -25.49 5.04 -9.62
N TYR I 54 -25.46 4.51 -8.40
CA TYR I 54 -24.55 5.01 -7.37
C TYR I 54 -23.10 4.85 -7.82
N LEU I 55 -22.77 3.71 -8.41
CA LEU I 55 -21.41 3.44 -8.81
C LEU I 55 -20.97 4.35 -9.96
N ALA I 56 -21.79 4.52 -10.98
CA ALA I 56 -21.49 5.42 -12.07
C ALA I 56 -21.30 6.85 -11.57
N ALA I 57 -22.11 7.29 -10.61
CA ALA I 57 -21.95 8.62 -10.03
C ALA I 57 -20.62 8.77 -9.31
N VAL I 58 -20.24 7.78 -8.50
CA VAL I 58 -18.96 7.77 -7.81
C VAL I 58 -17.79 7.76 -8.78
N LEU I 59 -17.80 6.93 -9.82
CA LEU I 59 -16.72 6.91 -10.80
C LEU I 59 -16.63 8.25 -11.52
N GLU I 60 -17.75 8.81 -11.95
CA GLU I 60 -17.78 10.12 -12.60
C GLU I 60 -17.20 11.20 -11.69
N TYR I 61 -17.59 11.23 -10.43
CA TYR I 61 -17.06 12.18 -9.50
C TYR I 61 -15.55 12.04 -9.35
N LEU I 62 -15.03 10.84 -9.11
CA LEU I 62 -13.59 10.66 -8.98
C LEU I 62 -12.85 11.01 -10.27
N THR I 63 -13.45 10.73 -11.42
CA THR I 63 -12.89 11.10 -12.71
C THR I 63 -12.75 12.61 -12.79
N ALA I 64 -13.82 13.33 -12.51
CA ALA I 64 -13.81 14.77 -12.49
C ALA I 64 -12.83 15.31 -11.45
N GLU I 65 -12.70 14.68 -10.29
CA GLU I 65 -11.80 15.13 -9.25
C GLU I 65 -10.34 15.01 -9.66
N ILE I 66 -9.95 13.95 -10.37
CA ILE I 66 -8.61 13.84 -10.96
C ILE I 66 -8.43 14.85 -12.08
N LEU I 67 -9.34 14.89 -13.05
CA LEU I 67 -9.15 15.72 -14.23
C LEU I 67 -9.17 17.21 -13.90
N GLU I 68 -9.90 17.63 -12.88
CA GLU I 68 -9.77 18.96 -12.29
C GLU I 68 -8.31 19.29 -12.04
N LEU I 69 -7.64 18.47 -11.23
CA LEU I 69 -6.26 18.70 -10.85
C LEU I 69 -5.31 18.52 -12.03
N ALA I 70 -5.50 17.51 -12.86
CA ALA I 70 -4.65 17.28 -14.00
C ALA I 70 -4.67 18.46 -14.97
N GLY I 71 -5.85 19.02 -15.23
CA GLY I 71 -5.96 20.20 -16.07
C GLY I 71 -5.32 21.41 -15.41
N ASN I 72 -5.45 21.58 -14.10
CA ASN I 72 -4.70 22.63 -13.41
C ASN I 72 -3.19 22.44 -13.55
N ALA I 73 -2.68 21.22 -13.41
CA ALA I 73 -1.26 20.96 -13.62
C ALA I 73 -0.83 21.31 -15.05
N ALA I 74 -1.62 20.93 -16.05
CA ALA I 74 -1.35 21.31 -17.43
C ALA I 74 -1.33 22.82 -17.63
N ARG I 75 -2.29 23.55 -17.05
CA ARG I 75 -2.44 25.01 -17.10
C ARG I 75 -1.38 25.76 -16.28
N ASP I 76 -0.89 25.18 -15.21
CA ASP I 76 0.30 25.62 -14.52
C ASP I 76 1.45 25.71 -15.53
N ASN I 77 1.63 24.63 -16.29
CA ASN I 77 2.54 24.59 -17.41
C ASN I 77 1.89 25.32 -18.62
N LYS I 78 2.55 25.35 -19.76
CA LYS I 78 2.01 25.98 -20.98
C LYS I 78 1.14 25.04 -21.82
N LYS I 79 1.29 23.74 -21.64
CA LYS I 79 0.62 22.69 -22.42
C LYS I 79 -0.89 22.79 -22.27
N THR I 80 -1.63 22.43 -23.29
CA THR I 80 -3.10 22.52 -23.34
C THR I 80 -3.78 21.15 -23.36
N ARG I 81 -3.05 20.07 -23.58
CA ARG I 81 -3.55 18.70 -23.46
C ARG I 81 -2.93 17.96 -22.30
N ILE I 82 -3.75 17.22 -21.57
CA ILE I 82 -3.26 16.41 -20.45
C ILE I 82 -2.39 15.29 -20.99
N ILE I 83 -1.23 15.08 -20.34
CA ILE I 83 -0.28 13.99 -20.61
C ILE I 83 0.06 13.27 -19.29
N PRO I 84 0.61 12.05 -19.30
CA PRO I 84 0.81 11.24 -18.11
C PRO I 84 1.54 11.95 -16.97
N ARG I 85 2.53 12.78 -17.30
CA ARG I 85 3.22 13.64 -16.35
C ARG I 85 2.25 14.45 -15.49
N HIS I 86 1.28 15.12 -16.11
CA HIS I 86 0.29 15.93 -15.40
C HIS I 86 -0.57 15.09 -14.47
N LEU I 87 -0.95 13.88 -14.88
CA LEU I 87 -1.69 12.97 -14.01
C LEU I 87 -0.87 12.61 -12.79
N GLN I 88 0.40 12.27 -12.96
CA GLN I 88 1.28 11.94 -11.85
C GLN I 88 1.46 13.13 -10.90
N LEU I 89 1.75 14.33 -11.41
CA LEU I 89 1.90 15.51 -10.57
C LEU I 89 0.62 15.81 -9.81
N ALA I 90 -0.55 15.71 -10.45
CA ALA I 90 -1.83 15.90 -9.77
C ALA I 90 -2.02 14.89 -8.64
N ILE I 91 -1.93 13.61 -8.96
CA ILE I 91 -2.16 12.51 -8.03
C ILE I 91 -1.21 12.54 -6.85
N ARG I 92 0.05 12.94 -7.02
CA ARG I 92 1.01 13.00 -5.90
C ARG I 92 0.97 14.30 -5.13
N ASN I 93 0.58 15.42 -5.74
CA ASN I 93 0.39 16.65 -4.99
C ASN I 93 -0.80 16.55 -4.05
N ASP I 94 -1.91 15.96 -4.49
CA ASP I 94 -3.07 15.81 -3.63
C ASP I 94 -2.88 14.72 -2.59
N GLU I 95 -3.09 15.02 -1.31
CA GLU I 95 -2.95 14.03 -0.26
C GLU I 95 -3.90 12.85 -0.45
N GLU I 96 -5.17 13.10 -0.68
CA GLU I 96 -6.18 12.04 -0.65
C GLU I 96 -6.09 11.14 -1.89
N LEU I 97 -5.83 11.68 -3.07
CA LEU I 97 -5.55 10.85 -4.22
C LEU I 97 -4.27 10.05 -4.02
N ASN I 98 -3.21 10.63 -3.47
CA ASN I 98 -1.99 9.87 -3.21
C ASN I 98 -2.28 8.74 -2.21
N LYS I 99 -3.10 8.98 -1.20
CA LYS I 99 -3.53 7.96 -0.24
C LYS I 99 -4.33 6.85 -0.91
N LEU I 100 -5.23 7.18 -1.84
CA LEU I 100 -6.03 6.23 -2.60
C LEU I 100 -5.20 5.42 -3.60
N LEU I 101 -4.11 5.98 -4.12
CA LEU I 101 -3.33 5.45 -5.22
C LEU I 101 -1.86 5.24 -4.86
N GLY I 102 -1.58 4.95 -3.59
CA GLY I 102 -0.22 4.99 -3.05
C GLY I 102 0.72 4.02 -3.75
N ARG I 103 0.25 2.81 -4.03
CA ARG I 103 1.03 1.73 -4.66
C ARG I 103 0.94 1.74 -6.20
N VAL I 104 0.04 2.50 -6.78
CA VAL I 104 -0.09 2.58 -8.24
C VAL I 104 1.16 3.19 -8.86
N THR I 105 1.63 2.65 -9.96
CA THR I 105 2.62 3.26 -10.84
C THR I 105 1.93 3.80 -12.07
N ILE I 106 2.27 5.00 -12.52
CA ILE I 106 1.71 5.60 -13.72
C ILE I 106 2.77 5.58 -14.81
N ALA I 107 2.52 4.90 -15.93
CA ALA I 107 3.46 4.87 -17.04
C ALA I 107 3.78 6.28 -17.52
N GLN I 108 5.05 6.59 -17.78
CA GLN I 108 5.50 7.95 -18.13
C GLN I 108 5.17 9.05 -17.11
N GLY I 109 4.89 8.74 -15.85
CA GLY I 109 4.67 9.75 -14.82
C GLY I 109 5.93 10.53 -14.42
N GLY I 110 7.08 9.87 -14.38
CA GLY I 110 8.26 10.31 -13.63
C GLY I 110 7.96 10.47 -12.14
N VAL I 111 8.66 11.35 -11.45
CA VAL I 111 8.48 11.60 -10.00
C VAL I 111 8.30 13.07 -9.69
N LEU I 112 7.78 13.39 -8.50
CA LEU I 112 7.75 14.75 -7.99
C LEU I 112 9.15 15.38 -7.93
N PRO I 113 9.34 16.64 -8.34
CA PRO I 113 10.52 17.42 -8.02
C PRO I 113 10.71 17.50 -6.51
N ASN I 114 11.78 16.91 -5.99
CA ASN I 114 11.97 16.65 -4.58
C ASN I 114 13.44 16.37 -4.27
N ILE I 115 14.08 17.26 -3.53
CA ILE I 115 15.45 17.10 -3.03
C ILE I 115 15.42 17.22 -1.51
N GLN I 116 16.12 16.32 -0.81
CA GLN I 116 16.27 16.40 0.65
C GLN I 116 17.20 17.57 1.00
N ALA I 117 16.81 18.43 1.95
CA ALA I 117 17.54 19.66 2.26
C ALA I 117 19.01 19.45 2.65
N VAL I 118 19.33 18.33 3.28
CA VAL I 118 20.69 17.97 3.70
C VAL I 118 21.66 17.90 2.53
N LEU I 119 21.17 17.66 1.32
CA LEU I 119 21.97 17.44 0.12
C LEU I 119 22.41 18.73 -0.58
N LEU I 120 21.88 19.89 -0.21
CA LEU I 120 22.15 21.18 -0.84
C LEU I 120 23.53 21.76 -0.43
N PRO I 121 24.10 22.71 -1.18
CA PRO I 121 25.27 23.48 -0.71
C PRO I 121 24.97 24.31 0.54
N LYS I 122 26.01 24.80 1.22
CA LYS I 122 25.94 25.27 2.61
C LYS I 122 25.20 24.26 3.50
N ARG J 37 -16.99 -3.69 -30.97
CA ARG J 37 -15.81 -4.57 -30.76
C ARG J 37 -15.13 -4.29 -29.42
N LYS J 38 -14.11 -3.43 -29.32
CA LYS J 38 -13.35 -3.17 -28.07
C LYS J 38 -13.93 -1.99 -27.28
N GLU J 39 -14.83 -2.26 -26.35
CA GLU J 39 -15.40 -1.23 -25.46
C GLU J 39 -14.35 -0.60 -24.54
N SER J 40 -14.59 0.64 -24.11
CA SER J 40 -13.80 1.37 -23.12
C SER J 40 -14.66 2.42 -22.41
N TYR J 41 -14.07 3.27 -21.59
CA TYR J 41 -14.74 4.42 -20.98
C TYR J 41 -14.44 5.74 -21.68
N SER J 42 -13.64 5.73 -22.75
CA SER J 42 -12.95 6.90 -23.24
C SER J 42 -13.86 8.08 -23.55
N ILE J 43 -15.02 7.86 -24.16
CA ILE J 43 -15.90 8.97 -24.51
C ILE J 43 -16.58 9.57 -23.28
N TYR J 44 -16.90 8.80 -22.24
CA TYR J 44 -17.47 9.37 -21.02
C TYR J 44 -16.40 10.16 -20.28
N VAL J 45 -15.17 9.67 -20.24
CA VAL J 45 -14.03 10.44 -19.73
C VAL J 45 -13.93 11.76 -20.46
N TYR J 46 -14.00 11.73 -21.79
CA TYR J 46 -13.92 12.94 -22.58
C TYR J 46 -15.06 13.91 -22.27
N LYS J 47 -16.29 13.42 -22.11
CA LYS J 47 -17.42 14.26 -21.71
C LYS J 47 -17.20 14.89 -20.34
N VAL J 48 -16.65 14.15 -19.38
CA VAL J 48 -16.29 14.73 -18.08
C VAL J 48 -15.21 15.80 -18.25
N LEU J 49 -14.20 15.57 -19.07
CA LEU J 49 -13.15 16.55 -19.35
C LEU J 49 -13.75 17.84 -19.91
N LYS J 50 -14.66 17.74 -20.87
CA LYS J 50 -15.38 18.90 -21.42
C LYS J 50 -16.17 19.65 -20.34
N GLN J 51 -16.66 19.00 -19.29
CA GLN J 51 -17.32 19.73 -18.20
C GLN J 51 -16.34 20.47 -17.30
N VAL J 52 -15.20 19.88 -16.92
CA VAL J 52 -14.30 20.51 -15.95
C VAL J 52 -13.33 21.52 -16.57
N HIS J 53 -12.87 21.30 -17.81
CA HIS J 53 -11.91 22.17 -18.48
C HIS J 53 -12.22 22.25 -19.98
N PRO J 54 -13.15 23.12 -20.41
CA PRO J 54 -13.66 23.12 -21.78
C PRO J 54 -12.59 23.16 -22.88
N ASP J 55 -11.55 23.96 -22.70
CA ASP J 55 -10.48 24.16 -23.68
C ASP J 55 -9.51 22.98 -23.79
N THR J 56 -9.44 22.12 -22.78
CA THR J 56 -8.41 21.09 -22.66
C THR J 56 -8.70 19.90 -23.56
N GLY J 57 -7.67 19.32 -24.16
CA GLY J 57 -7.72 18.00 -24.80
C GLY J 57 -6.97 16.96 -23.97
N ILE J 58 -6.92 15.70 -24.41
CA ILE J 58 -6.24 14.65 -23.65
C ILE J 58 -5.52 13.68 -24.57
N SER J 59 -4.23 13.51 -24.33
CA SER J 59 -3.40 12.59 -25.11
C SER J 59 -3.85 11.14 -24.99
N SER J 60 -3.56 10.32 -25.99
CA SER J 60 -4.00 8.92 -26.01
C SER J 60 -3.44 8.13 -24.83
N LYS J 61 -2.16 8.29 -24.50
CA LYS J 61 -1.59 7.68 -23.29
C LYS J 61 -2.34 8.08 -22.04
N ALA J 62 -2.64 9.37 -21.86
CA ALA J 62 -3.42 9.80 -20.71
C ALA J 62 -4.82 9.16 -20.71
N MET J 63 -5.47 9.09 -21.86
CA MET J 63 -6.76 8.42 -21.97
C MET J 63 -6.67 6.93 -21.61
N GLY J 64 -5.59 6.25 -21.98
CA GLY J 64 -5.33 4.88 -21.57
C GLY J 64 -5.14 4.76 -20.06
N ILE J 65 -4.48 5.72 -19.43
CA ILE J 65 -4.40 5.75 -17.97
C ILE J 65 -5.78 5.93 -17.35
N MET J 66 -6.65 6.77 -17.89
CA MET J 66 -8.00 6.90 -17.34
C MET J 66 -8.80 5.62 -17.43
N ASN J 67 -8.73 4.91 -18.56
CA ASN J 67 -9.31 3.58 -18.66
C ASN J 67 -8.74 2.62 -17.62
N SER J 68 -7.43 2.63 -17.38
CA SER J 68 -6.82 1.82 -16.33
C SER J 68 -7.37 2.20 -14.95
N PHE J 69 -7.42 3.48 -14.64
CA PHE J 69 -7.85 4.01 -13.37
C PHE J 69 -9.31 3.68 -13.09
N VAL J 70 -10.20 3.94 -14.04
CA VAL J 70 -11.62 3.64 -13.89
C VAL J 70 -11.81 2.14 -13.66
N ASN J 71 -11.17 1.27 -14.43
CA ASN J 71 -11.27 -0.16 -14.20
C ASN J 71 -10.75 -0.56 -12.82
N ASP J 72 -9.63 -0.02 -12.34
CA ASP J 72 -9.13 -0.33 -10.99
C ASP J 72 -10.15 0.03 -9.92
N ILE J 73 -10.58 1.30 -9.88
CA ILE J 73 -11.53 1.75 -8.87
C ILE J 73 -12.84 0.97 -8.95
N PHE J 74 -13.32 0.66 -10.14
CA PHE J 74 -14.49 -0.20 -10.31
C PHE J 74 -14.24 -1.58 -9.71
N GLU J 75 -13.13 -2.24 -10.02
CA GLU J 75 -12.81 -3.54 -9.42
C GLU J 75 -12.65 -3.48 -7.91
N ARG J 76 -12.10 -2.40 -7.34
CA ARG J 76 -12.05 -2.26 -5.89
C ARG J 76 -13.45 -2.18 -5.31
N ILE J 77 -14.27 -1.26 -5.79
CA ILE J 77 -15.59 -1.06 -5.21
C ILE J 77 -16.46 -2.29 -5.41
N ALA J 78 -16.43 -2.92 -6.58
CA ALA J 78 -17.22 -4.13 -6.82
C ALA J 78 -16.72 -5.32 -5.99
N GLY J 79 -15.41 -5.51 -5.85
CA GLY J 79 -14.87 -6.55 -4.98
C GLY J 79 -15.34 -6.37 -3.55
N GLU J 80 -15.26 -5.14 -3.03
CA GLU J 80 -15.61 -4.89 -1.64
C GLU J 80 -17.12 -4.98 -1.41
N ALA J 81 -17.92 -4.49 -2.34
CA ALA J 81 -19.35 -4.65 -2.32
C ALA J 81 -19.74 -6.13 -2.32
N SER J 82 -19.05 -6.96 -3.09
CA SER J 82 -19.27 -8.41 -3.05
C SER J 82 -18.97 -8.98 -1.67
N ARG J 83 -17.81 -8.67 -1.11
CA ARG J 83 -17.43 -9.16 0.21
C ARG J 83 -18.43 -8.74 1.27
N LEU J 84 -18.90 -7.50 1.24
CA LEU J 84 -19.97 -7.05 2.12
C LEU J 84 -21.23 -7.88 1.98
N ALA J 85 -21.66 -8.22 0.77
CA ALA J 85 -22.82 -9.08 0.60
C ALA J 85 -22.59 -10.46 1.23
N HIS J 86 -21.44 -11.10 1.01
CA HIS J 86 -21.16 -12.44 1.55
C HIS J 86 -21.07 -12.45 3.08
N TYR J 87 -20.44 -11.46 3.71
CA TYR J 87 -20.36 -11.39 5.17
C TYR J 87 -21.74 -11.26 5.83
N ASN J 88 -22.71 -10.68 5.13
CA ASN J 88 -24.08 -10.49 5.60
C ASN J 88 -25.08 -11.48 5.00
N LYS J 89 -24.59 -12.52 4.30
CA LYS J 89 -25.39 -13.57 3.62
C LYS J 89 -26.41 -13.05 2.60
N ARG J 90 -26.30 -11.79 2.17
CA ARG J 90 -27.16 -11.18 1.15
C ARG J 90 -26.84 -11.74 -0.22
N SER J 91 -27.85 -11.95 -1.05
CA SER J 91 -27.64 -12.31 -2.45
C SER J 91 -27.33 -11.09 -3.33
N THR J 92 -27.80 -9.91 -2.91
CA THR J 92 -27.88 -8.73 -3.77
C THR J 92 -26.87 -7.67 -3.40
N ILE J 93 -26.10 -7.16 -4.37
CA ILE J 93 -25.47 -5.85 -4.22
C ILE J 93 -26.54 -4.80 -4.48
N THR J 94 -26.93 -4.05 -3.47
CA THR J 94 -27.80 -2.89 -3.57
C THR J 94 -26.97 -1.62 -3.54
N SER J 95 -27.58 -0.44 -3.68
CA SER J 95 -26.89 0.84 -3.48
C SER J 95 -26.24 0.94 -2.10
N ARG J 96 -26.74 0.27 -1.07
CA ARG J 96 -26.18 0.35 0.27
C ARG J 96 -24.87 -0.41 0.41
N GLU J 97 -24.69 -1.57 -0.21
CA GLU J 97 -23.37 -2.19 -0.28
C GLU J 97 -22.38 -1.29 -1.00
N ILE J 98 -22.80 -0.58 -2.05
CA ILE J 98 -21.90 0.35 -2.71
C ILE J 98 -21.49 1.45 -1.75
N GLN J 99 -22.46 2.09 -1.12
CA GLN J 99 -22.22 3.19 -0.19
C GLN J 99 -21.24 2.79 0.90
N THR J 100 -21.42 1.61 1.50
CA THR J 100 -20.48 1.13 2.51
C THR J 100 -19.10 0.85 1.91
N ALA J 101 -19.01 0.20 0.75
CA ALA J 101 -17.73 -0.10 0.11
C ALA J 101 -16.95 1.19 -0.17
N VAL J 102 -17.64 2.22 -0.60
CA VAL J 102 -17.08 3.54 -0.84
C VAL J 102 -16.60 4.17 0.46
N ARG J 103 -17.39 4.15 1.53
CA ARG J 103 -16.95 4.62 2.86
C ARG J 103 -15.70 3.87 3.35
N LEU J 104 -15.53 2.59 3.00
CA LEU J 104 -14.35 1.81 3.37
C LEU J 104 -13.12 2.19 2.54
N LEU J 105 -13.27 2.28 1.22
CA LEU J 105 -12.12 2.35 0.32
C LEU J 105 -11.48 3.73 0.22
N LEU J 106 -12.29 4.79 0.28
CA LEU J 106 -11.81 6.14 0.05
C LEU J 106 -11.36 6.81 1.36
N PRO J 107 -10.33 7.65 1.35
CA PRO J 107 -10.01 8.48 2.50
C PRO J 107 -10.91 9.73 2.56
N GLY J 108 -11.20 10.19 3.77
CA GLY J 108 -11.67 11.54 4.11
C GLY J 108 -12.65 12.23 3.13
N GLU J 109 -12.28 13.39 2.61
CA GLU J 109 -13.22 14.23 1.85
C GLU J 109 -13.62 13.58 0.53
N LEU J 110 -12.73 12.83 -0.12
CA LEU J 110 -13.13 12.00 -1.24
C LEU J 110 -14.27 11.07 -0.83
N ALA J 111 -14.19 10.39 0.32
CA ALA J 111 -15.28 9.55 0.77
C ALA J 111 -16.57 10.36 1.00
N LYS J 112 -16.52 11.45 1.78
CA LYS J 112 -17.70 12.28 2.07
C LYS J 112 -18.35 12.81 0.78
N HIS J 113 -17.57 13.38 -0.13
CA HIS J 113 -18.09 13.91 -1.39
C HIS J 113 -18.59 12.82 -2.31
N ALA J 114 -17.88 11.69 -2.45
CA ALA J 114 -18.35 10.58 -3.27
C ALA J 114 -19.73 10.09 -2.81
N VAL J 115 -19.92 9.93 -1.51
CA VAL J 115 -21.20 9.51 -0.94
C VAL J 115 -22.29 10.52 -1.27
N SER J 116 -21.98 11.80 -1.21
CA SER J 116 -22.95 12.82 -1.59
C SER J 116 -23.34 12.70 -3.06
N GLU J 117 -22.37 12.53 -3.95
CA GLU J 117 -22.65 12.32 -5.37
C GLU J 117 -23.51 11.08 -5.62
N GLY J 118 -23.20 9.95 -4.99
CA GLY J 118 -24.05 8.77 -5.06
C GLY J 118 -25.47 9.03 -4.56
N THR J 119 -25.61 9.73 -3.43
CA THR J 119 -26.91 10.11 -2.87
C THR J 119 -27.69 11.00 -3.83
N LYS J 120 -27.06 12.02 -4.41
CA LYS J 120 -27.66 12.92 -5.40
C LYS J 120 -28.16 12.13 -6.58
N ALA J 121 -27.28 11.32 -7.16
CA ALA J 121 -27.60 10.55 -8.33
C ALA J 121 -28.79 9.62 -8.12
N VAL J 122 -28.76 8.78 -7.08
CA VAL J 122 -29.86 7.85 -6.83
C VAL J 122 -31.15 8.58 -6.50
N THR J 123 -31.09 9.69 -5.78
CA THR J 123 -32.25 10.57 -5.58
C THR J 123 -32.83 11.03 -6.92
N LYS J 124 -32.01 11.61 -7.81
CA LYS J 124 -32.45 12.15 -9.11
C LYS J 124 -33.01 11.08 -10.02
N TYR J 125 -32.33 9.94 -10.08
CA TYR J 125 -32.73 8.79 -10.87
C TYR J 125 -34.06 8.18 -10.43
N THR J 126 -34.38 8.25 -9.14
CA THR J 126 -35.60 7.66 -8.59
C THR J 126 -36.87 8.32 -9.15
N SER J 127 -36.77 9.49 -9.77
CA SER J 127 -37.90 10.16 -10.42
C SER J 127 -37.45 10.95 -11.64
N ASP K 24 -6.65 32.62 -2.34
CA ASP K 24 -6.66 33.40 -3.60
C ASP K 24 -5.24 33.84 -3.98
N LYS K 25 -4.99 34.18 -5.25
CA LYS K 25 -3.66 34.47 -5.83
C LYS K 25 -3.53 35.93 -6.26
N PRO K 26 -3.11 36.85 -5.35
CA PRO K 26 -3.06 38.29 -5.66
C PRO K 26 -2.00 38.67 -6.71
N LEU K 27 -0.88 37.94 -6.78
CA LEU K 27 0.22 38.25 -7.69
C LEU K 27 0.06 37.56 -9.07
N SER K 28 -1.16 37.18 -9.45
CA SER K 28 -1.51 36.24 -10.53
C SER K 28 -0.74 36.38 -11.86
N ASN K 29 -0.51 37.61 -12.32
CA ASN K 29 0.24 37.90 -13.55
C ASN K 29 1.59 38.62 -13.29
N MET K 30 1.93 38.92 -12.04
CA MET K 30 3.00 39.85 -11.67
C MET K 30 4.38 39.19 -11.67
N LYS K 31 5.41 39.93 -12.10
CA LYS K 31 6.82 39.53 -11.99
C LYS K 31 7.46 40.19 -10.77
N ILE K 32 8.24 39.44 -10.01
CA ILE K 32 8.79 39.85 -8.72
C ILE K 32 10.30 39.61 -8.71
N LEU K 33 11.07 40.70 -8.65
CA LEU K 33 12.52 40.68 -8.51
C LEU K 33 12.91 40.43 -7.06
N THR K 34 13.90 39.59 -6.80
CA THR K 34 14.55 39.48 -5.48
C THR K 34 15.99 39.99 -5.55
N LEU K 35 16.37 40.97 -4.71
CA LEU K 35 17.74 41.49 -4.62
C LEU K 35 18.34 41.27 -3.22
N GLY K 36 19.65 41.06 -3.15
CA GLY K 36 20.44 41.12 -1.91
C GLY K 36 20.06 40.12 -0.81
N LYS K 37 20.42 40.46 0.43
CA LYS K 37 20.17 39.66 1.64
C LYS K 37 18.68 39.54 1.97
N LEU K 38 18.26 38.33 2.35
CA LEU K 38 16.91 37.97 2.83
C LEU K 38 17.02 37.09 4.08
N SER K 39 16.16 37.28 5.08
CA SER K 39 16.13 36.48 6.32
C SER K 39 15.48 35.11 6.05
N ARG K 40 14.29 35.11 5.43
CA ARG K 40 13.76 33.98 4.66
C ARG K 40 14.70 33.70 3.49
N ASN K 41 15.05 32.44 3.28
CA ASN K 41 15.90 32.04 2.16
C ASN K 41 15.18 32.19 0.81
N LYS K 42 15.96 32.22 -0.28
CA LYS K 42 15.52 32.29 -1.68
C LYS K 42 14.34 31.36 -2.00
N ASP K 43 14.41 30.09 -1.61
CA ASP K 43 13.37 29.10 -1.90
C ASP K 43 12.06 29.38 -1.13
N GLU K 44 12.12 29.96 0.07
CA GLU K 44 10.94 30.38 0.82
C GLU K 44 10.26 31.56 0.13
N VAL K 45 11.05 32.55 -0.28
CA VAL K 45 10.55 33.74 -1.00
C VAL K 45 9.97 33.33 -2.36
N LYS K 46 10.65 32.45 -3.11
CA LYS K 46 10.10 31.84 -4.33
C LYS K 46 8.83 31.03 -4.05
N ALA K 47 8.77 30.25 -2.98
CA ALA K 47 7.57 29.50 -2.61
C ALA K 47 6.40 30.42 -2.28
N MET K 48 6.64 31.54 -1.58
CA MET K 48 5.63 32.58 -1.32
C MET K 48 5.14 33.24 -2.62
N ILE K 49 6.03 33.62 -3.53
CA ILE K 49 5.70 34.17 -4.86
C ILE K 49 4.81 33.20 -5.65
N GLU K 50 5.19 31.91 -5.70
CA GLU K 50 4.41 30.86 -6.34
C GLU K 50 3.03 30.64 -5.70
N LYS K 51 2.96 30.50 -4.38
CA LYS K 51 1.70 30.35 -3.63
C LYS K 51 0.77 31.54 -3.86
N LEU K 52 1.32 32.75 -4.04
CA LEU K 52 0.60 33.98 -4.37
C LEU K 52 0.30 34.17 -5.86
N GLY K 53 0.83 33.29 -6.72
CA GLY K 53 0.58 33.21 -8.16
C GLY K 53 1.56 34.00 -9.05
N GLY K 54 2.48 34.76 -8.48
CA GLY K 54 3.44 35.56 -9.23
C GLY K 54 4.63 34.75 -9.77
N LYS K 55 5.53 35.43 -10.48
CA LYS K 55 6.75 34.87 -11.09
C LYS K 55 8.01 35.50 -10.51
N LEU K 56 8.95 34.71 -9.98
CA LEU K 56 10.24 35.24 -9.54
C LEU K 56 11.15 35.59 -10.73
N THR K 57 12.02 36.59 -10.58
CA THR K 57 13.17 36.85 -11.45
C THR K 57 14.36 37.44 -10.68
N GLY K 58 15.55 37.38 -11.28
CA GLY K 58 16.73 38.12 -10.85
C GLY K 58 17.04 39.34 -11.72
N THR K 59 16.34 39.56 -12.84
CA THR K 59 16.66 40.62 -13.80
C THR K 59 16.16 42.00 -13.33
N ALA K 60 17.03 43.01 -13.38
CA ALA K 60 16.83 44.25 -12.62
C ALA K 60 15.71 45.18 -13.14
N ASN K 61 15.30 45.04 -14.40
CA ASN K 61 14.55 46.07 -15.13
C ASN K 61 13.17 45.62 -15.69
N LYS K 62 12.72 44.38 -15.45
CA LYS K 62 11.47 43.83 -16.03
C LYS K 62 10.39 43.39 -15.03
N ALA K 63 10.65 43.46 -13.73
CA ALA K 63 9.68 43.09 -12.70
C ALA K 63 8.58 44.15 -12.52
N SER K 64 7.48 43.77 -11.87
CA SER K 64 6.46 44.68 -11.35
C SER K 64 6.78 45.15 -9.92
N LEU K 65 7.32 44.26 -9.09
CA LEU K 65 7.77 44.53 -7.72
C LEU K 65 9.24 44.14 -7.56
N CYS K 66 9.96 44.82 -6.69
CA CYS K 66 11.27 44.41 -6.21
C CYS K 66 11.24 44.11 -4.71
N ILE K 67 11.99 43.11 -4.26
CA ILE K 67 11.98 42.61 -2.89
C ILE K 67 13.40 42.49 -2.36
N SER K 68 13.61 42.92 -1.10
CA SER K 68 14.85 42.70 -0.34
C SER K 68 14.62 42.96 1.16
N THR K 69 15.61 42.69 2.01
CA THR K 69 15.73 43.42 3.28
C THR K 69 15.96 44.92 2.99
N LYS K 70 15.99 45.76 4.04
CA LYS K 70 16.31 47.19 3.92
C LYS K 70 17.63 47.45 3.18
N LYS K 71 18.62 46.55 3.29
CA LYS K 71 20.01 46.74 2.82
C LYS K 71 20.16 47.26 1.40
N GLU K 72 19.41 46.75 0.42
CA GLU K 72 19.63 47.16 -0.98
C GLU K 72 19.25 48.62 -1.25
N VAL K 73 18.15 49.10 -0.64
CA VAL K 73 17.75 50.52 -0.67
C VAL K 73 18.56 51.36 0.33
N GLU K 74 18.86 50.82 1.50
CA GLU K 74 19.66 51.49 2.54
C GLU K 74 21.06 51.86 2.05
N LYS K 75 21.69 50.97 1.26
CA LYS K 75 22.96 51.21 0.58
C LYS K 75 22.80 51.98 -0.73
N MET K 76 21.62 51.93 -1.35
CA MET K 76 21.40 52.21 -2.76
C MET K 76 22.44 51.49 -3.64
N ASN K 77 22.45 50.17 -3.53
CA ASN K 77 23.33 49.30 -4.32
C ASN K 77 23.06 49.49 -5.83
N LYS K 78 24.07 49.29 -6.69
CA LYS K 78 23.99 49.47 -8.15
C LYS K 78 22.79 48.78 -8.82
N LYS K 79 22.40 47.59 -8.32
CA LYS K 79 21.23 46.83 -8.80
C LYS K 79 19.93 47.51 -8.39
N MET K 80 19.86 48.06 -7.19
CA MET K 80 18.71 48.85 -6.73
C MET K 80 18.62 50.22 -7.40
N GLU K 81 19.75 50.82 -7.82
CA GLU K 81 19.74 52.00 -8.67
C GLU K 81 19.14 51.70 -10.05
N GLU K 82 19.40 50.54 -10.64
CA GLU K 82 18.66 50.10 -11.84
C GLU K 82 17.14 49.96 -11.58
N VAL K 83 16.74 49.39 -10.43
CA VAL K 83 15.33 49.29 -10.02
C VAL K 83 14.68 50.67 -9.89
N LYS K 84 15.41 51.64 -9.32
CA LYS K 84 15.04 53.05 -9.20
C LYS K 84 14.88 53.74 -10.54
N GLU K 85 15.84 53.61 -11.45
CA GLU K 85 15.74 54.17 -12.80
C GLU K 85 14.66 53.46 -13.65
N ALA K 86 14.32 52.21 -13.36
CA ALA K 86 13.15 51.53 -13.88
C ALA K 86 11.84 51.91 -13.15
N ASN K 87 11.91 52.71 -12.09
CA ASN K 87 10.81 53.10 -11.22
C ASN K 87 10.02 51.93 -10.60
N ILE K 88 10.63 50.74 -10.52
CA ILE K 88 10.03 49.52 -9.96
C ILE K 88 9.96 49.67 -8.43
N ARG K 89 8.75 49.66 -7.86
CA ARG K 89 8.54 49.86 -6.43
C ARG K 89 9.11 48.71 -5.58
N VAL K 90 9.65 49.00 -4.41
CA VAL K 90 10.40 48.05 -3.58
C VAL K 90 9.65 47.77 -2.28
N VAL K 91 9.48 46.49 -1.94
CA VAL K 91 8.88 46.03 -0.69
C VAL K 91 9.87 45.22 0.13
N SER K 92 9.74 45.27 1.46
CA SER K 92 10.51 44.40 2.33
C SER K 92 10.15 42.94 2.09
N GLU K 93 11.12 42.07 2.27
CA GLU K 93 10.98 40.63 2.39
C GLU K 93 9.74 40.18 3.20
N ASP K 94 9.55 40.70 4.41
CA ASP K 94 8.43 40.38 5.30
C ASP K 94 7.11 41.01 4.86
N PHE K 95 7.08 41.96 3.93
CA PHE K 95 5.82 42.53 3.45
C PHE K 95 5.00 41.48 2.66
N LEU K 96 5.64 40.51 1.98
CA LEU K 96 4.96 39.35 1.40
C LEU K 96 4.21 38.52 2.44
N GLN K 97 4.70 38.47 3.69
CA GLN K 97 4.04 37.74 4.75
C GLN K 97 2.63 38.31 4.97
N ASP K 98 2.44 39.63 4.88
CA ASP K 98 1.13 40.27 4.93
C ASP K 98 0.29 40.01 3.67
N VAL K 99 0.92 40.00 2.48
CA VAL K 99 0.25 39.65 1.22
C VAL K 99 -0.37 38.24 1.30
N SER K 100 0.30 37.31 1.99
CA SER K 100 -0.22 35.98 2.33
C SER K 100 -1.25 36.01 3.48
N ALA K 101 -0.96 36.71 4.57
CA ALA K 101 -1.68 36.63 5.83
C ALA K 101 -2.94 37.50 5.97
N SER K 102 -3.23 38.45 5.07
CA SER K 102 -4.35 39.39 5.21
C SER K 102 -5.13 39.68 3.92
N THR K 103 -6.32 40.27 4.09
CA THR K 103 -7.23 40.70 3.01
C THR K 103 -6.93 42.09 2.43
N LYS K 104 -5.80 42.73 2.81
CA LYS K 104 -5.42 44.08 2.36
C LYS K 104 -5.31 44.17 0.83
N SER K 105 -5.67 45.32 0.29
CA SER K 105 -5.60 45.59 -1.15
C SER K 105 -4.15 45.72 -1.62
N LEU K 106 -3.90 45.43 -2.89
CA LEU K 106 -2.57 45.47 -3.52
C LEU K 106 -1.87 46.82 -3.29
N GLN K 107 -2.57 47.93 -3.52
CA GLN K 107 -2.06 49.28 -3.32
C GLN K 107 -1.60 49.50 -1.87
N GLU K 108 -2.37 49.06 -0.88
CA GLU K 108 -1.97 49.16 0.54
C GLU K 108 -0.70 48.36 0.83
N LEU K 109 -0.64 47.13 0.32
CA LEU K 109 0.53 46.23 0.39
C LEU K 109 1.76 46.77 -0.36
N PHE K 110 1.59 47.81 -1.19
CA PHE K 110 2.65 48.50 -1.92
C PHE K 110 2.72 50.02 -1.61
N LEU K 111 2.10 50.50 -0.52
CA LEU K 111 2.09 51.93 -0.12
C LEU K 111 2.26 52.09 1.39
N ALA K 112 1.40 51.45 2.17
CA ALA K 112 1.58 51.32 3.61
C ALA K 112 2.83 50.47 3.89
N HIS K 113 2.97 49.38 3.13
CA HIS K 113 4.19 48.62 2.98
C HIS K 113 4.97 49.12 1.74
N ILE K 114 6.02 49.90 1.95
CA ILE K 114 7.00 50.26 0.91
C ILE K 114 8.38 50.54 1.53
N LEU K 115 9.47 50.22 0.81
CA LEU K 115 10.83 50.65 1.14
C LEU K 115 11.29 51.83 0.26
N SER K 116 11.12 51.73 -1.05
CA SER K 116 11.61 52.75 -1.99
C SER K 116 10.86 54.09 -1.84
N PRO K 117 11.55 55.23 -1.98
CA PRO K 117 10.89 56.53 -2.16
C PRO K 117 10.29 56.69 -3.57
N TRP K 118 10.86 56.03 -4.58
CA TRP K 118 10.26 55.86 -5.90
C TRP K 118 9.24 54.71 -5.94
N GLY K 119 8.54 54.59 -7.06
CA GLY K 119 7.61 53.50 -7.33
C GLY K 119 6.79 53.70 -8.60
#